data_6WCZ
#
_entry.id   6WCZ
#
_cell.length_a   1.00
_cell.length_b   1.00
_cell.length_c   1.00
_cell.angle_alpha   90.00
_cell.angle_beta   90.00
_cell.angle_gamma   90.00
#
_symmetry.space_group_name_H-M   'P 1'
#
loop_
_entity.id
_entity.type
_entity.pdbx_description
1 polymer 'Signal transducer and activator of transcription 2'
2 polymer 'Non-structural protein 5'
3 non-polymer 'ZINC ION'
#
loop_
_entity_poly.entity_id
_entity_poly.type
_entity_poly.pdbx_seq_one_letter_code
_entity_poly.pdbx_strand_id
1 'polypeptide(L)'
;MAQWEMLQNLDSPFQDQLHQLYSHSLLPVDIRQYLAVWIEDQNWQEAALGSDDSKATMLFFHFLDQLNYECGRCSQDPES
LLLQHNLRKFCRDIQPFSQDPTQLAEMIFNLLLEEKRILIQAQRAQLEQGEPVLETPVESQQHEIESRILDLRAMMEKLV
KSISQLKDQQDVFCFRYKIQAKGKTPSLDPHQTKEQKILQETLNELDKRRKEVLDASKALLGRLTTLIELLLPKLEEWKA
QQQKACIRAPIDHGLEQLETWFTAGAKLLFHLRQLLKELKGLSCLVSYQDDPLTKGVDLRNAQVTELLQRLLHRAFVVET
QPCMPQTPHRPLILKTGSKFTVRTRLLVRLQEGNESLTVEVSIDRNPPQLQGFRKFNILTSNQKTLTPEKGQSQGLIWDF
GYLTLVEQRSGGSGKGSNKGPLGVTEELHIISFTVKYTYQGLKQELKTDTLPVVIISNMNQLSIAWASVLWFNLLSPNLQ
NQQFFSNPPKAPWSLLGPALSWQFSSYVGRGLNSDQLSMLRNKLFGQNCRTEDPLLSWADFTKRESPPGKLPFWTWLDKI
LELVHDHLKDLWNDGRIMGFVSRSQERRLLKKTMSGTFLLRFSESSEGGITCSWVEHQDDDKVLIYSVQPYTKEVLQSLP
LTEIIRHYQLLTEENIPENPLRFLYPRIPRDEAFGCYYQEKVNLQERRKYLKHRLIVVSNRQVDELQQPLELKPEPELES
LELELGLVPEPELSLDLEPLLKAGLDLGPELESVLESTLEPVIEPTLCMVSQTVPEPDQGPVSQPVPEPDLPCDLRHLNT
EPMEIFRNCVKIEEIMPNGDPLLAGQNTVDEVYVSRPSHFYTDGPLMPSDF
;
A
2 'polypeptide(L)'
;GGGTGETLGEKWKARLNQMSALEFYSYKKSGITEVCREEARRALKDGVATGGHAVSRGSAKLRWLVERGYLQPYGKVVDL
GCGRGGWSYYAATIRKVQEVRGYTKGGPGHEEPMLVQSYGWNIVRLKSGVDVFHMAAEPCDTLLCDIGESSSSPEVEETR
TLRVLSMVGDWLEKRPGAFCIKVLCPYTSTMMETMERLQRRHGGGLVRVPLSRNSTHEMYWVSGAKSNIIKSVSTTSQLL
LGRMDGPRRPVKYEEDVNLGSGTRAVASCAEAPNMKIIGRRIERIRNEHAETWFLDENHPYRTWAYHGSYEAPTQGSASS
LVNGVVRLLSKPWDVVTGVTGIAMTDTTPYGQQRVFKEKVDTRVPDPQEGTRQVMNIVSSWLWKELGKRKRPRVCTKEEF
INKVRSNAALGAIFEEEKEWKTAVEAVNDPRFWALVDREREHHLRGECHSCVYNMMGKREKKQGEFGKAKGSRAIWYMWL
GARFLEFEALGFLNEDHWMGRENSGGGVEGLGLQRLGYILEEMNRAPGGKMYADDTAGWDTRISKFDLENEALITNQMEE
GHRTLALAVIKYTYQNKVVKVLRPAEGGKTVMDIISRQDQRGSGQVVTYALNTFTNLVVQLIRNMEAEEVLEMQDLWLLR
KPEKVTRWLQSNGWDRLKRMAVSGDDCVVKPIDDRFAHALRFLNDMGKVRKDTQEWKPSTGWSNWEEVPFCSHHFNKLYL
KDGRSIVVPCRHQDELIGRARVSPGAGWSIRETACLAKSYAQMWQLLYFHRRDLRLMANAICSAVPVDWVPTGRTTWSIH
GKGEWMTTEDMLMVWNRVWIEENDHMEDKTPVTKWTDIPYLGKREDLWCGSLIGHRPRTTWAENIKDTVNMVRRIIGDEE
KYMDYLSTQVRYLGEEGSTPGVL
;
B
#
loop_
_chem_comp.id
_chem_comp.type
_chem_comp.name
_chem_comp.formula
ZN non-polymer 'ZINC ION' 'Zn 2'
#
# COMPACT_ATOMS: atom_id res chain seq x y z
N SER A 140 6.56 -37.75 18.50
CA SER A 140 7.53 -37.19 17.56
C SER A 140 6.83 -36.72 16.30
N GLN A 141 6.36 -37.68 15.49
CA GLN A 141 5.65 -37.38 14.23
C GLN A 141 4.27 -36.75 14.48
N GLN A 142 3.55 -37.21 15.51
CA GLN A 142 2.16 -36.80 15.72
C GLN A 142 2.07 -35.34 16.14
N HIS A 143 3.03 -34.87 16.94
CA HIS A 143 2.98 -33.51 17.42
C HIS A 143 3.37 -32.52 16.32
N GLU A 144 4.22 -32.94 15.37
CA GLU A 144 4.57 -32.06 14.25
C GLU A 144 3.39 -31.91 13.30
N ILE A 145 2.73 -33.02 12.96
CA ILE A 145 1.61 -32.93 12.04
C ILE A 145 0.44 -32.25 12.71
N GLU A 146 0.28 -32.42 14.03
CA GLU A 146 -0.71 -31.62 14.72
C GLU A 146 -0.27 -30.16 14.86
N SER A 147 1.01 -29.88 14.79
CA SER A 147 1.42 -28.49 14.69
C SER A 147 1.01 -27.90 13.34
N ARG A 148 1.04 -28.71 12.28
CA ARG A 148 0.50 -28.22 11.02
C ARG A 148 -1.02 -28.15 11.04
N ILE A 149 -1.69 -28.95 11.87
CA ILE A 149 -3.13 -28.77 11.98
C ILE A 149 -3.40 -27.46 12.71
N LEU A 150 -2.50 -27.06 13.61
CA LEU A 150 -2.62 -25.75 14.25
C LEU A 150 -2.33 -24.63 13.26
N ASP A 151 -1.36 -24.83 12.37
CA ASP A 151 -1.02 -23.81 11.39
C ASP A 151 -2.20 -23.58 10.44
N LEU A 152 -2.83 -24.65 9.97
CA LEU A 152 -3.97 -24.46 9.10
C LEU A 152 -5.18 -23.89 9.83
N ARG A 153 -5.35 -24.18 11.11
CA ARG A 153 -6.39 -23.48 11.85
C ARG A 153 -6.10 -21.99 11.95
N ALA A 154 -4.83 -21.64 12.15
CA ALA A 154 -4.44 -20.25 12.37
C ALA A 154 -4.59 -19.42 11.11
N MET A 155 -3.89 -19.80 10.04
CA MET A 155 -3.99 -19.07 8.78
C MET A 155 -5.38 -19.20 8.18
N MET A 156 -6.09 -20.28 8.50
CA MET A 156 -7.46 -20.41 8.02
C MET A 156 -8.35 -19.34 8.60
N GLU A 157 -8.29 -19.15 9.91
CA GLU A 157 -9.16 -18.15 10.52
C GLU A 157 -8.73 -16.72 10.17
N LYS A 158 -7.41 -16.50 10.02
CA LYS A 158 -6.94 -15.18 9.63
C LYS A 158 -7.43 -14.79 8.23
N LEU A 159 -7.35 -15.72 7.27
CA LEU A 159 -7.86 -15.44 5.94
C LEU A 159 -9.38 -15.31 5.94
N VAL A 160 -10.06 -16.02 6.84
CA VAL A 160 -11.51 -15.81 7.02
C VAL A 160 -11.79 -14.36 7.40
N LYS A 161 -10.95 -13.78 8.27
CA LYS A 161 -11.12 -12.38 8.63
C LYS A 161 -10.90 -11.46 7.43
N SER A 162 -9.86 -11.72 6.64
CA SER A 162 -9.52 -10.81 5.54
C SER A 162 -10.60 -10.79 4.47
N ILE A 163 -11.22 -11.95 4.20
CA ILE A 163 -12.39 -11.96 3.33
C ILE A 163 -13.54 -11.21 3.97
N SER A 164 -13.70 -11.39 5.29
CA SER A 164 -14.83 -10.79 5.98
C SER A 164 -14.74 -9.26 6.07
N GLN A 165 -13.59 -8.66 5.79
CA GLN A 165 -13.57 -7.22 5.59
C GLN A 165 -13.58 -6.79 4.13
N LEU A 166 -12.98 -7.58 3.24
CA LEU A 166 -12.95 -7.17 1.83
C LEU A 166 -14.33 -7.15 1.22
N LYS A 167 -15.25 -7.98 1.72
CA LYS A 167 -16.63 -7.87 1.25
C LYS A 167 -17.24 -6.52 1.58
N ASP A 168 -16.85 -5.90 2.69
CA ASP A 168 -17.50 -4.65 3.05
C ASP A 168 -16.81 -3.47 2.39
N GLN A 169 -15.50 -3.57 2.17
CA GLN A 169 -14.84 -2.56 1.36
C GLN A 169 -15.41 -2.54 -0.04
N GLN A 170 -15.73 -3.72 -0.57
CA GLN A 170 -16.55 -3.82 -1.77
C GLN A 170 -17.90 -3.16 -1.58
N ASP A 171 -18.47 -3.22 -0.37
CA ASP A 171 -19.81 -2.67 -0.20
C ASP A 171 -19.81 -1.14 -0.23
N VAL A 172 -18.83 -0.49 0.42
CA VAL A 172 -18.83 0.98 0.33
C VAL A 172 -18.37 1.42 -1.04
N PHE A 173 -17.62 0.58 -1.76
CA PHE A 173 -17.26 0.94 -3.12
C PHE A 173 -18.48 0.93 -4.03
N CYS A 174 -19.33 -0.08 -3.91
CA CYS A 174 -20.50 -0.11 -4.77
C CYS A 174 -21.54 0.89 -4.33
N PHE A 175 -21.51 1.33 -3.08
CA PHE A 175 -22.35 2.46 -2.69
C PHE A 175 -21.88 3.76 -3.34
N ARG A 176 -20.58 4.05 -3.24
CA ARG A 176 -20.03 5.29 -3.80
C ARG A 176 -20.20 5.38 -5.30
N TYR A 177 -19.92 4.28 -5.99
CA TYR A 177 -20.17 4.24 -7.45
C TYR A 177 -21.68 4.30 -7.70
N LYS A 178 -22.47 3.68 -6.80
CA LYS A 178 -23.89 3.53 -7.02
C LYS A 178 -24.61 4.85 -6.96
N ILE A 179 -24.17 5.76 -6.09
CA ILE A 179 -24.92 7.01 -5.89
C ILE A 179 -24.19 8.16 -6.56
N GLN A 180 -22.88 8.04 -6.71
CA GLN A 180 -22.19 9.00 -7.57
C GLN A 180 -22.58 8.79 -9.04
N ALA A 181 -22.89 7.55 -9.42
CA ALA A 181 -23.42 7.30 -10.74
C ALA A 181 -24.83 7.84 -10.88
N LYS A 182 -25.62 7.76 -9.81
CA LYS A 182 -26.89 8.44 -9.74
C LYS A 182 -26.66 9.94 -9.81
N GLY A 183 -27.64 10.68 -10.32
CA GLY A 183 -27.51 12.12 -10.22
C GLY A 183 -26.77 12.79 -11.37
N LYS A 184 -27.34 12.70 -12.57
CA LYS A 184 -26.83 13.40 -13.73
C LYS A 184 -27.30 14.86 -13.80
N THR A 185 -27.67 15.47 -12.69
CA THR A 185 -28.09 16.87 -12.64
C THR A 185 -26.93 17.82 -12.88
N HIS A 191 -15.02 19.68 -14.49
CA HIS A 191 -14.65 18.28 -14.52
C HIS A 191 -13.51 17.97 -13.55
N GLN A 192 -13.34 16.68 -13.27
CA GLN A 192 -12.37 16.12 -12.32
C GLN A 192 -12.55 16.73 -10.93
N THR A 193 -13.74 16.47 -10.38
CA THR A 193 -14.20 17.04 -9.12
C THR A 193 -13.70 16.27 -7.91
N LYS A 194 -12.58 15.55 -8.05
CA LYS A 194 -11.88 14.74 -7.05
C LYS A 194 -12.68 13.54 -6.56
N GLU A 195 -13.94 13.42 -6.96
CA GLU A 195 -14.67 12.20 -6.69
C GLU A 195 -14.22 11.12 -7.63
N GLN A 196 -13.80 11.53 -8.82
CA GLN A 196 -13.13 10.63 -9.74
C GLN A 196 -11.80 10.16 -9.19
N LYS A 197 -11.08 11.05 -8.52
CA LYS A 197 -9.76 10.69 -8.01
C LYS A 197 -9.88 9.83 -6.75
N ILE A 198 -10.86 10.12 -5.91
CA ILE A 198 -11.09 9.31 -4.73
C ILE A 198 -11.58 7.93 -5.11
N LEU A 199 -12.58 7.85 -6.00
CA LEU A 199 -13.10 6.54 -6.38
C LEU A 199 -12.10 5.77 -7.25
N GLN A 200 -11.21 6.49 -7.93
CA GLN A 200 -10.01 5.88 -8.47
C GLN A 200 -9.20 5.18 -7.38
N GLU A 201 -8.91 5.89 -6.29
CA GLU A 201 -8.07 5.28 -5.25
C GLU A 201 -8.80 4.18 -4.50
N THR A 202 -10.13 4.24 -4.44
CA THR A 202 -10.89 3.21 -3.78
C THR A 202 -10.87 1.93 -4.59
N LEU A 203 -11.08 2.05 -5.91
CA LEU A 203 -10.93 0.91 -6.80
C LEU A 203 -9.51 0.36 -6.77
N ASN A 204 -8.52 1.26 -6.75
CA ASN A 204 -7.13 0.87 -6.84
C ASN A 204 -6.68 0.09 -5.62
N GLU A 205 -6.95 0.62 -4.44
CA GLU A 205 -6.48 -0.10 -3.28
C GLU A 205 -7.38 -1.27 -2.90
N LEU A 206 -8.65 -1.27 -3.34
CA LEU A 206 -9.44 -2.51 -3.28
C LEU A 206 -8.82 -3.58 -4.15
N ASP A 207 -8.37 -3.19 -5.35
CA ASP A 207 -7.68 -4.10 -6.26
C ASP A 207 -6.45 -4.71 -5.62
N LYS A 208 -5.61 -3.87 -5.01
CA LYS A 208 -4.39 -4.35 -4.37
C LYS A 208 -4.72 -5.27 -3.20
N ARG A 209 -5.79 -4.96 -2.48
CA ARG A 209 -6.19 -5.82 -1.37
C ARG A 209 -6.63 -7.19 -1.85
N ARG A 210 -7.37 -7.25 -2.96
CA ARG A 210 -7.76 -8.53 -3.54
C ARG A 210 -6.54 -9.32 -3.98
N LYS A 211 -5.54 -8.63 -4.53
CA LYS A 211 -4.28 -9.29 -4.88
C LYS A 211 -3.60 -9.92 -3.67
N GLU A 212 -3.57 -9.20 -2.56
CA GLU A 212 -2.86 -9.72 -1.39
C GLU A 212 -3.57 -10.92 -0.79
N VAL A 213 -4.91 -10.87 -0.70
CA VAL A 213 -5.60 -12.00 -0.09
C VAL A 213 -5.50 -13.24 -0.98
N LEU A 214 -5.44 -13.07 -2.29
CA LEU A 214 -5.16 -14.25 -3.11
C LEU A 214 -3.72 -14.72 -2.96
N ASP A 215 -2.79 -13.81 -2.66
CA ASP A 215 -1.39 -14.23 -2.49
C ASP A 215 -1.22 -15.06 -1.21
N ALA A 216 -1.86 -14.66 -0.12
CA ALA A 216 -1.78 -15.48 1.09
C ALA A 216 -2.59 -16.77 0.94
N SER A 217 -3.62 -16.75 0.09
CA SER A 217 -4.29 -18.00 -0.24
C SER A 217 -3.35 -18.96 -0.96
N LYS A 218 -2.46 -18.44 -1.80
CA LYS A 218 -1.46 -19.35 -2.38
C LYS A 218 -0.47 -19.83 -1.34
N ALA A 219 -0.11 -18.95 -0.40
CA ALA A 219 0.82 -19.33 0.64
C ALA A 219 0.26 -20.40 1.56
N LEU A 220 -1.05 -20.52 1.69
CA LEU A 220 -1.50 -21.71 2.42
C LEU A 220 -1.83 -22.86 1.49
N LEU A 221 -1.97 -22.62 0.18
CA LEU A 221 -2.10 -23.75 -0.73
C LEU A 221 -0.85 -24.62 -0.78
N GLY A 222 0.33 -24.01 -0.90
CA GLY A 222 1.56 -24.81 -0.85
C GLY A 222 1.75 -25.53 0.49
N ARG A 223 1.33 -24.89 1.57
CA ARG A 223 1.51 -25.46 2.90
C ARG A 223 0.61 -26.65 3.10
N LEU A 224 -0.67 -26.53 2.75
CA LEU A 224 -1.53 -27.66 3.04
C LEU A 224 -1.33 -28.77 2.03
N THR A 225 -0.86 -28.45 0.81
CA THR A 225 -0.56 -29.56 -0.09
C THR A 225 0.69 -30.33 0.34
N THR A 226 1.64 -29.66 0.99
CA THR A 226 2.75 -30.42 1.57
C THR A 226 2.30 -31.22 2.77
N LEU A 227 1.30 -30.71 3.52
CA LEU A 227 0.68 -31.48 4.59
C LEU A 227 0.07 -32.76 4.09
N ILE A 228 -0.60 -32.72 2.93
CA ILE A 228 -1.22 -33.93 2.41
C ILE A 228 -0.17 -34.90 1.91
N GLU A 229 0.78 -34.39 1.13
CA GLU A 229 1.80 -35.24 0.50
C GLU A 229 2.69 -35.91 1.53
N LEU A 230 2.92 -35.27 2.68
CA LEU A 230 3.58 -36.01 3.73
C LEU A 230 2.59 -36.83 4.55
N LEU A 231 1.29 -36.51 4.48
CA LEU A 231 0.35 -37.23 5.31
C LEU A 231 0.09 -38.64 4.79
N LEU A 232 0.21 -38.86 3.49
CA LEU A 232 -0.11 -40.16 2.90
C LEU A 232 0.77 -41.38 3.26
N PRO A 233 2.12 -41.30 3.30
CA PRO A 233 2.89 -42.51 3.61
C PRO A 233 2.68 -43.05 5.01
N LYS A 234 2.24 -42.22 5.96
CA LYS A 234 1.80 -42.74 7.25
C LYS A 234 0.61 -43.66 7.08
N LEU A 235 -0.30 -43.30 6.17
CA LEU A 235 -1.50 -44.08 5.95
C LEU A 235 -1.15 -45.42 5.35
N GLU A 236 -0.26 -45.44 4.37
CA GLU A 236 0.01 -46.74 3.74
C GLU A 236 1.03 -47.58 4.52
N GLU A 237 1.94 -46.97 5.27
CA GLU A 237 2.86 -47.78 6.06
C GLU A 237 2.17 -48.35 7.29
N TRP A 238 1.34 -47.54 7.95
CA TRP A 238 0.55 -48.13 9.01
C TRP A 238 -0.49 -49.08 8.48
N LYS A 239 -0.89 -48.93 7.21
CA LYS A 239 -1.63 -50.01 6.58
C LYS A 239 -0.78 -51.28 6.47
N ALA A 240 0.52 -51.12 6.20
CA ALA A 240 1.39 -52.27 5.98
C ALA A 240 1.64 -53.07 7.25
N GLN A 241 1.90 -52.41 8.37
CA GLN A 241 1.94 -53.18 9.62
C GLN A 241 0.54 -53.62 10.03
N GLN A 242 -0.44 -52.77 9.75
CA GLN A 242 -1.81 -52.91 10.23
C GLN A 242 -2.45 -54.19 9.75
N GLN A 243 -2.14 -54.60 8.53
CA GLN A 243 -2.50 -55.95 8.11
C GLN A 243 -1.28 -56.76 7.68
N LYS A 244 -0.11 -56.43 8.21
CA LYS A 244 1.01 -57.35 8.27
C LYS A 244 0.91 -58.26 9.49
N ALA A 245 0.34 -57.77 10.57
CA ALA A 245 0.35 -58.54 11.81
C ALA A 245 -1.05 -58.99 12.23
N CYS A 246 -1.84 -59.50 11.30
CA CYS A 246 -3.17 -60.02 11.62
C CYS A 246 -3.17 -61.54 11.80
N ILE A 247 -2.04 -62.12 12.19
CA ILE A 247 -1.90 -63.57 12.26
C ILE A 247 -2.33 -64.18 13.57
N ARG A 248 -2.52 -63.38 14.62
CA ARG A 248 -2.96 -63.80 15.96
C ARG A 248 -1.96 -64.77 16.59
N LEU A 255 -4.43 -44.94 14.10
CA LEU A 255 -5.68 -45.47 14.62
C LEU A 255 -6.75 -44.38 14.60
N GLU A 256 -7.22 -43.99 15.79
CA GLU A 256 -8.13 -42.86 15.88
C GLU A 256 -7.42 -41.53 15.78
N GLN A 257 -6.09 -41.53 15.95
CA GLN A 257 -5.23 -40.42 15.53
C GLN A 257 -5.56 -39.98 14.11
N LEU A 258 -5.61 -40.94 13.20
CA LEU A 258 -5.88 -40.65 11.81
C LEU A 258 -7.35 -40.41 11.54
N GLU A 259 -8.24 -40.93 12.40
CA GLU A 259 -9.65 -40.55 12.32
C GLU A 259 -9.82 -39.08 12.62
N THR A 260 -9.13 -38.60 13.65
CA THR A 260 -9.11 -37.17 13.93
C THR A 260 -8.40 -36.40 12.84
N TRP A 261 -7.40 -36.99 12.20
CA TRP A 261 -6.66 -36.20 11.23
C TRP A 261 -7.38 -36.13 9.90
N PHE A 262 -8.21 -37.11 9.61
CA PHE A 262 -9.08 -36.96 8.47
C PHE A 262 -10.31 -36.14 8.81
N THR A 263 -10.68 -36.12 10.09
CA THR A 263 -11.72 -35.20 10.57
C THR A 263 -11.32 -33.76 10.29
N ALA A 264 -10.21 -33.34 10.89
CA ALA A 264 -9.74 -31.98 10.71
C ALA A 264 -9.23 -31.75 9.29
N GLY A 265 -8.69 -32.79 8.65
CA GLY A 265 -8.24 -32.65 7.27
C GLY A 265 -9.36 -32.29 6.32
N ALA A 266 -10.44 -33.05 6.34
CA ALA A 266 -11.53 -32.72 5.44
C ALA A 266 -12.34 -31.52 5.91
N LYS A 267 -12.37 -31.24 7.22
CA LYS A 267 -13.00 -29.99 7.64
C LYS A 267 -12.25 -28.78 7.10
N LEU A 268 -10.93 -28.83 7.10
CA LEU A 268 -10.19 -27.70 6.58
C LEU A 268 -10.28 -27.60 5.07
N LEU A 269 -10.29 -28.73 4.38
CA LEU A 269 -10.36 -28.68 2.93
C LEU A 269 -11.74 -28.27 2.45
N PHE A 270 -12.79 -28.88 3.00
CA PHE A 270 -14.15 -28.48 2.63
C PHE A 270 -14.47 -27.06 3.07
N HIS A 271 -13.89 -26.63 4.19
CA HIS A 271 -14.11 -25.27 4.65
C HIS A 271 -13.45 -24.26 3.73
N LEU A 272 -12.22 -24.55 3.31
CA LEU A 272 -11.56 -23.65 2.39
C LEU A 272 -12.21 -23.69 1.02
N ARG A 273 -12.80 -24.83 0.67
CA ARG A 273 -13.58 -24.96 -0.54
C ARG A 273 -14.78 -24.03 -0.50
N GLN A 274 -15.63 -24.22 0.50
CA GLN A 274 -16.87 -23.47 0.62
C GLN A 274 -16.62 -21.98 0.77
N LEU A 275 -15.54 -21.63 1.46
CA LEU A 275 -15.14 -20.23 1.48
C LEU A 275 -14.70 -19.77 0.10
N LEU A 276 -14.06 -20.64 -0.65
CA LEU A 276 -13.57 -20.22 -1.95
C LEU A 276 -14.68 -20.18 -2.99
N LYS A 277 -15.83 -20.78 -2.70
CA LYS A 277 -16.94 -20.78 -3.64
C LYS A 277 -17.57 -19.42 -3.81
N GLU A 278 -17.36 -18.50 -2.85
CA GLU A 278 -17.91 -17.16 -2.95
C GLU A 278 -16.84 -16.11 -2.74
N LEU A 279 -15.75 -16.23 -3.49
CA LEU A 279 -15.02 -15.09 -3.98
C LEU A 279 -15.59 -14.60 -5.29
N LYS A 280 -16.54 -15.35 -5.86
CA LYS A 280 -17.30 -14.89 -7.01
C LYS A 280 -18.13 -13.68 -6.63
N GLY A 281 -19.02 -13.84 -5.64
CA GLY A 281 -19.98 -12.84 -5.20
C GLY A 281 -19.37 -11.59 -4.60
N LEU A 282 -18.06 -11.56 -4.34
CA LEU A 282 -17.34 -10.32 -4.06
C LEU A 282 -17.01 -9.56 -5.32
N SER A 283 -17.36 -10.09 -6.47
CA SER A 283 -17.34 -9.33 -7.72
C SER A 283 -18.60 -9.51 -8.56
N CYS A 284 -19.49 -10.42 -8.18
CA CYS A 284 -20.76 -10.59 -8.87
C CYS A 284 -21.74 -9.49 -8.57
N LEU A 285 -21.43 -8.56 -7.67
CA LEU A 285 -22.18 -7.31 -7.67
C LEU A 285 -21.75 -6.52 -8.89
N VAL A 286 -20.50 -6.05 -8.89
CA VAL A 286 -19.89 -5.37 -10.03
C VAL A 286 -18.41 -5.75 -10.02
N SER A 287 -17.96 -6.48 -11.04
CA SER A 287 -16.56 -6.88 -11.09
C SER A 287 -15.68 -5.79 -11.70
N TYR A 288 -15.97 -5.49 -12.97
CA TYR A 288 -15.55 -4.24 -13.64
C TYR A 288 -14.06 -3.91 -13.46
N GLN A 289 -13.18 -4.91 -13.39
CA GLN A 289 -11.78 -4.55 -13.34
C GLN A 289 -10.92 -5.68 -13.92
N ASP A 290 -9.74 -5.31 -14.45
CA ASP A 290 -8.72 -6.22 -14.98
C ASP A 290 -7.76 -6.60 -13.83
N ASP A 291 -8.28 -7.49 -13.01
CA ASP A 291 -7.73 -8.06 -11.79
C ASP A 291 -7.46 -9.55 -11.91
N PRO A 292 -6.71 -10.13 -10.98
CA PRO A 292 -6.80 -11.57 -10.79
C PRO A 292 -8.09 -11.91 -10.06
N LEU A 293 -9.06 -12.36 -10.81
CA LEU A 293 -10.38 -12.62 -10.25
C LEU A 293 -10.97 -13.94 -10.71
N THR A 294 -10.55 -14.48 -11.84
CA THR A 294 -11.07 -15.72 -12.38
C THR A 294 -10.04 -16.84 -12.37
N LYS A 295 -8.79 -16.49 -12.68
CA LYS A 295 -7.69 -17.44 -12.59
C LYS A 295 -7.47 -17.89 -11.15
N GLY A 296 -7.74 -17.01 -10.19
CA GLY A 296 -7.62 -17.39 -8.80
C GLY A 296 -8.71 -18.33 -8.37
N VAL A 297 -9.97 -17.97 -8.63
CA VAL A 297 -11.07 -18.74 -8.08
C VAL A 297 -11.20 -20.08 -8.79
N ASP A 298 -10.88 -20.14 -10.08
CA ASP A 298 -11.09 -21.40 -10.75
C ASP A 298 -9.82 -22.21 -10.90
N LEU A 299 -8.66 -21.56 -11.00
CA LEU A 299 -7.41 -22.31 -10.93
C LEU A 299 -7.25 -22.94 -9.56
N ARG A 300 -7.51 -22.16 -8.53
CA ARG A 300 -7.24 -22.65 -7.20
C ARG A 300 -8.40 -23.50 -6.71
N ASN A 301 -9.61 -23.19 -7.18
CA ASN A 301 -10.74 -24.10 -6.98
C ASN A 301 -10.46 -25.46 -7.61
N ALA A 302 -9.85 -25.46 -8.79
CA ALA A 302 -9.59 -26.72 -9.47
C ALA A 302 -8.51 -27.52 -8.77
N GLN A 303 -7.42 -26.85 -8.37
CA GLN A 303 -6.32 -27.57 -7.73
C GLN A 303 -6.72 -28.13 -6.38
N VAL A 304 -7.49 -27.37 -5.60
CA VAL A 304 -7.95 -27.99 -4.36
C VAL A 304 -9.07 -28.98 -4.59
N THR A 305 -9.79 -28.89 -5.72
CA THR A 305 -10.81 -29.88 -6.02
C THR A 305 -10.18 -31.23 -6.31
N GLU A 306 -9.12 -31.27 -7.12
CA GLU A 306 -8.46 -32.54 -7.35
C GLU A 306 -7.63 -32.98 -6.15
N LEU A 307 -7.24 -32.05 -5.28
CA LEU A 307 -6.52 -32.47 -4.08
C LEU A 307 -7.43 -33.20 -3.12
N LEU A 308 -8.61 -32.66 -2.86
CA LEU A 308 -9.42 -33.46 -1.95
C LEU A 308 -10.10 -34.62 -2.67
N GLN A 309 -10.16 -34.62 -4.00
CA GLN A 309 -10.69 -35.83 -4.62
C GLN A 309 -9.64 -36.94 -4.67
N ARG A 310 -8.34 -36.62 -4.68
CA ARG A 310 -7.38 -37.70 -4.51
C ARG A 310 -7.31 -38.14 -3.06
N LEU A 311 -7.49 -37.21 -2.12
CA LEU A 311 -7.47 -37.64 -0.73
C LEU A 311 -8.68 -38.47 -0.41
N LEU A 312 -9.85 -38.10 -0.95
CA LEU A 312 -10.99 -38.99 -0.82
C LEU A 312 -10.79 -40.28 -1.56
N HIS A 313 -10.01 -40.26 -2.64
CA HIS A 313 -9.75 -41.47 -3.41
C HIS A 313 -8.93 -42.48 -2.61
N ARG A 314 -8.02 -42.01 -1.75
CA ARG A 314 -7.17 -42.95 -1.04
C ARG A 314 -7.30 -42.74 0.47
N ALA A 315 -8.52 -42.67 0.97
CA ALA A 315 -8.74 -42.63 2.42
C ALA A 315 -10.01 -43.38 2.79
N PHE A 316 -10.19 -44.57 2.24
CA PHE A 316 -11.24 -45.45 2.72
C PHE A 316 -10.63 -46.84 2.79
N VAL A 317 -10.25 -47.27 3.99
CA VAL A 317 -9.51 -48.51 4.15
C VAL A 317 -10.24 -49.46 5.09
N VAL A 318 -9.65 -50.63 5.32
CA VAL A 318 -10.22 -51.68 6.17
C VAL A 318 -9.29 -51.88 7.36
N GLU A 319 -9.88 -51.99 8.55
CA GLU A 319 -9.10 -52.31 9.74
C GLU A 319 -9.12 -53.80 10.02
N THR A 320 -10.27 -54.44 9.87
CA THR A 320 -10.50 -55.79 10.33
C THR A 320 -10.69 -56.73 9.14
N GLN A 321 -9.81 -57.69 9.02
CA GLN A 321 -9.92 -58.71 8.01
C GLN A 321 -11.04 -59.69 8.36
N PRO A 322 -11.60 -60.38 7.36
CA PRO A 322 -12.56 -61.45 7.66
C PRO A 322 -11.92 -62.64 8.35
N CYS A 323 -12.71 -63.28 9.21
CA CYS A 323 -12.21 -64.36 10.04
C CYS A 323 -13.35 -65.29 10.42
N MET A 324 -12.99 -66.39 11.00
CA MET A 324 -13.99 -67.34 11.48
C MET A 324 -14.63 -66.84 12.77
N PRO A 325 -15.94 -67.03 12.93
CA PRO A 325 -16.51 -67.00 14.28
C PRO A 325 -16.14 -68.22 15.09
N GLN A 326 -15.84 -69.34 14.43
CA GLN A 326 -15.52 -70.57 15.12
C GLN A 326 -14.09 -70.60 15.59
N THR A 327 -13.16 -70.15 14.74
CA THR A 327 -11.77 -69.92 15.13
C THR A 327 -11.50 -68.44 14.95
N PRO A 328 -11.74 -67.62 15.98
CA PRO A 328 -11.49 -66.17 15.86
C PRO A 328 -10.01 -65.79 15.81
N HIS A 329 -9.12 -66.77 15.85
CA HIS A 329 -7.69 -66.58 15.74
C HIS A 329 -7.16 -66.84 14.34
N ARG A 330 -7.94 -67.47 13.47
CA ARG A 330 -7.49 -67.76 12.11
C ARG A 330 -8.30 -66.96 11.10
N PRO A 331 -7.80 -65.81 10.63
CA PRO A 331 -8.51 -65.05 9.60
C PRO A 331 -8.22 -65.57 8.20
N LEU A 332 -8.68 -64.83 7.18
CA LEU A 332 -8.46 -65.09 5.75
C LEU A 332 -9.03 -66.43 5.28
N ILE A 333 -9.88 -67.07 6.09
CA ILE A 333 -10.35 -68.42 5.85
C ILE A 333 -11.81 -68.45 6.21
N LEU A 334 -12.68 -68.72 5.24
CA LEU A 334 -14.10 -68.80 5.49
C LEU A 334 -14.65 -70.03 4.79
N LYS A 335 -15.21 -70.94 5.56
CA LYS A 335 -15.88 -72.10 5.02
C LYS A 335 -17.16 -71.65 4.33
N THR A 336 -17.69 -72.50 3.45
CA THR A 336 -18.95 -72.22 2.77
C THR A 336 -20.08 -72.19 3.80
N GLY A 337 -20.51 -70.97 4.13
CA GLY A 337 -21.44 -70.76 5.21
C GLY A 337 -20.88 -70.07 6.44
N SER A 338 -19.63 -69.59 6.40
CA SER A 338 -19.05 -68.94 7.55
C SER A 338 -19.44 -67.46 7.59
N LYS A 339 -19.05 -66.79 8.67
CA LYS A 339 -19.46 -65.42 8.94
C LYS A 339 -18.43 -64.42 8.45
N PHE A 340 -18.90 -63.38 7.77
CA PHE A 340 -18.02 -62.44 7.05
C PHE A 340 -17.52 -61.40 8.05
N THR A 341 -16.63 -61.84 8.92
CA THR A 341 -16.33 -61.11 10.15
C THR A 341 -15.41 -59.94 9.83
N VAL A 342 -16.02 -58.87 9.30
CA VAL A 342 -15.27 -57.71 8.85
C VAL A 342 -15.71 -56.47 9.62
N ARG A 343 -14.82 -55.48 9.67
CA ARG A 343 -15.12 -54.18 10.24
C ARG A 343 -14.25 -53.14 9.55
N THR A 344 -14.86 -52.38 8.65
CA THR A 344 -14.22 -51.26 7.99
C THR A 344 -14.76 -49.97 8.57
N ARG A 345 -14.42 -48.85 7.94
CA ARG A 345 -14.79 -47.55 8.44
C ARG A 345 -14.66 -46.52 7.32
N LEU A 346 -15.65 -45.64 7.18
CA LEU A 346 -15.35 -44.37 6.54
C LEU A 346 -14.54 -43.53 7.50
N LEU A 347 -13.22 -43.64 7.43
CA LEU A 347 -12.37 -43.03 8.42
C LEU A 347 -12.11 -41.56 8.16
N VAL A 348 -12.85 -40.93 7.27
CA VAL A 348 -12.86 -39.49 7.13
C VAL A 348 -14.16 -38.99 7.71
N ARG A 349 -14.08 -38.28 8.83
CA ARG A 349 -15.23 -38.15 9.72
C ARG A 349 -16.06 -36.92 9.39
N LEU A 350 -16.44 -36.80 8.12
CA LEU A 350 -17.34 -35.75 7.67
C LEU A 350 -18.55 -36.39 7.03
N GLN A 351 -19.69 -35.74 7.19
CA GLN A 351 -20.94 -36.33 6.75
C GLN A 351 -21.95 -35.22 6.55
N GLU A 352 -22.62 -35.23 5.40
CA GLU A 352 -23.82 -34.44 5.24
C GLU A 352 -24.89 -34.97 6.17
N GLY A 353 -25.52 -34.09 6.93
CA GLY A 353 -26.56 -34.50 7.85
C GLY A 353 -27.91 -34.80 7.23
N ASN A 354 -27.94 -34.93 5.91
CA ASN A 354 -29.19 -35.00 5.16
C ASN A 354 -29.91 -36.33 5.34
N GLU A 355 -29.21 -37.45 5.17
CA GLU A 355 -29.87 -38.74 5.09
C GLU A 355 -28.98 -39.84 5.65
N SER A 356 -29.61 -40.98 5.90
CA SER A 356 -28.95 -42.16 6.46
C SER A 356 -28.35 -42.97 5.31
N LEU A 357 -27.04 -42.84 5.13
CA LEU A 357 -26.33 -43.38 3.98
C LEU A 357 -25.91 -44.83 4.19
N THR A 358 -25.68 -45.52 3.07
CA THR A 358 -25.36 -46.94 3.05
C THR A 358 -24.12 -47.21 2.20
N VAL A 359 -23.53 -48.38 2.40
CA VAL A 359 -22.33 -48.82 1.68
C VAL A 359 -22.61 -50.18 1.06
N GLU A 360 -22.35 -50.30 -0.24
CA GLU A 360 -22.55 -51.54 -0.97
C GLU A 360 -21.24 -52.34 -1.04
N VAL A 361 -21.38 -53.67 -1.05
CA VAL A 361 -20.27 -54.58 -1.29
C VAL A 361 -20.02 -54.65 -2.79
N SER A 362 -18.89 -55.26 -3.18
CA SER A 362 -18.63 -55.58 -4.58
C SER A 362 -17.59 -56.68 -4.63
N ILE A 363 -17.95 -57.84 -5.14
CA ILE A 363 -17.12 -59.03 -5.05
C ILE A 363 -16.57 -59.38 -6.43
N ASP A 364 -15.24 -59.52 -6.52
CA ASP A 364 -14.54 -60.24 -7.59
C ASP A 364 -14.83 -59.64 -8.98
N ARG A 365 -14.27 -58.43 -9.16
CA ARG A 365 -14.47 -57.64 -10.37
C ARG A 365 -14.13 -58.42 -11.63
N ASN A 366 -13.06 -59.19 -11.62
CA ASN A 366 -12.55 -59.85 -12.82
C ASN A 366 -12.26 -61.32 -12.54
N PRO A 367 -12.98 -62.25 -13.17
CA PRO A 367 -12.54 -63.64 -13.17
C PRO A 367 -11.27 -63.78 -13.97
N PRO A 368 -10.16 -64.20 -13.35
CA PRO A 368 -8.86 -64.16 -14.03
C PRO A 368 -8.66 -65.23 -15.10
N GLN A 369 -7.44 -65.31 -15.62
CA GLN A 369 -7.10 -66.28 -16.65
C GLN A 369 -7.13 -67.71 -16.12
N LEU A 370 -6.77 -67.90 -14.84
CA LEU A 370 -6.51 -69.25 -14.34
C LEU A 370 -7.80 -70.05 -14.18
N GLN A 371 -8.66 -69.62 -13.27
CA GLN A 371 -9.95 -70.28 -13.07
C GLN A 371 -10.87 -69.28 -12.40
N GLY A 372 -11.82 -68.73 -13.16
CA GLY A 372 -12.88 -67.96 -12.57
C GLY A 372 -13.75 -68.90 -11.76
N PHE A 373 -13.68 -68.78 -10.44
CA PHE A 373 -14.21 -69.82 -9.57
C PHE A 373 -15.73 -69.76 -9.52
N ARG A 374 -16.29 -70.76 -8.83
CA ARG A 374 -17.66 -71.20 -9.07
C ARG A 374 -18.69 -70.12 -8.81
N LYS A 375 -18.86 -69.76 -7.55
CA LYS A 375 -19.73 -68.68 -7.09
C LYS A 375 -19.64 -68.61 -5.58
N PHE A 376 -20.34 -67.63 -5.03
CA PHE A 376 -21.02 -67.74 -3.76
C PHE A 376 -22.12 -66.68 -3.79
N ASN A 377 -23.25 -67.00 -3.18
CA ASN A 377 -24.33 -66.04 -3.02
C ASN A 377 -24.46 -65.74 -1.53
N ILE A 378 -24.33 -64.47 -1.16
CA ILE A 378 -24.43 -64.05 0.23
C ILE A 378 -25.89 -64.19 0.63
N LEU A 379 -26.22 -65.24 1.39
CA LEU A 379 -27.62 -65.41 1.75
C LEU A 379 -28.00 -64.52 2.93
N THR A 380 -27.04 -63.87 3.58
CA THR A 380 -27.36 -62.82 4.53
C THR A 380 -27.37 -61.52 3.72
N SER A 381 -27.55 -60.38 4.37
CA SER A 381 -27.62 -59.12 3.65
C SER A 381 -26.22 -58.67 3.20
N ASN A 382 -26.14 -57.46 2.68
CA ASN A 382 -24.89 -56.93 2.15
C ASN A 382 -24.58 -55.52 2.66
N GLN A 383 -25.35 -55.00 3.60
CA GLN A 383 -25.17 -53.61 3.99
C GLN A 383 -25.72 -53.39 5.39
N LYS A 384 -25.44 -52.20 5.91
CA LYS A 384 -26.10 -51.61 7.06
C LYS A 384 -26.35 -50.15 6.70
N THR A 385 -26.98 -49.41 7.61
CA THR A 385 -27.38 -48.04 7.34
C THR A 385 -26.93 -47.15 8.49
N LEU A 386 -26.21 -46.07 8.18
CA LEU A 386 -25.72 -45.14 9.19
C LEU A 386 -26.41 -43.80 9.04
N THR A 387 -27.24 -43.45 10.01
CA THR A 387 -27.75 -42.10 10.14
C THR A 387 -26.61 -41.15 10.47
N PRO A 388 -26.75 -39.87 10.10
CA PRO A 388 -25.69 -38.89 10.45
C PRO A 388 -25.52 -38.63 11.93
N GLU A 389 -26.49 -38.98 12.78
CA GLU A 389 -26.36 -38.74 14.21
C GLU A 389 -25.38 -39.69 14.88
N LYS A 390 -24.99 -40.77 14.21
CA LYS A 390 -24.22 -41.83 14.82
C LYS A 390 -22.76 -41.86 14.39
N GLY A 391 -22.46 -41.35 13.20
CA GLY A 391 -21.07 -41.01 12.90
C GLY A 391 -20.61 -39.82 13.72
N GLN A 392 -21.53 -38.95 14.10
CA GLN A 392 -21.26 -37.93 15.11
C GLN A 392 -21.20 -38.53 16.50
N SER A 393 -21.80 -39.70 16.71
CA SER A 393 -21.77 -40.35 18.01
C SER A 393 -20.62 -41.36 18.11
N GLN A 394 -20.65 -42.39 17.27
CA GLN A 394 -19.67 -43.46 17.36
C GLN A 394 -18.59 -43.36 16.30
N GLY A 395 -18.78 -42.52 15.29
CA GLY A 395 -17.90 -42.56 14.15
C GLY A 395 -18.49 -43.40 13.02
N LEU A 396 -17.88 -43.29 11.84
CA LEU A 396 -18.44 -43.86 10.62
C LEU A 396 -17.96 -45.30 10.43
N ILE A 397 -18.28 -46.13 11.42
CA ILE A 397 -17.84 -47.50 11.44
C ILE A 397 -18.67 -48.30 10.46
N TRP A 398 -18.03 -49.19 9.70
CA TRP A 398 -18.75 -50.07 8.78
C TRP A 398 -18.28 -51.51 8.97
N ASP A 399 -18.93 -52.19 9.89
CA ASP A 399 -18.70 -53.61 10.11
C ASP A 399 -19.81 -54.40 9.43
N PHE A 400 -19.45 -55.10 8.35
CA PHE A 400 -20.39 -56.05 7.74
C PHE A 400 -20.16 -57.45 8.27
N GLY A 401 -20.12 -57.58 9.60
CA GLY A 401 -19.85 -58.86 10.21
C GLY A 401 -21.02 -59.82 10.10
N TYR A 402 -20.76 -61.05 10.54
CA TYR A 402 -21.71 -62.18 10.70
C TYR A 402 -22.49 -62.53 9.44
N LEU A 403 -22.12 -62.00 8.27
CA LEU A 403 -22.88 -62.29 7.06
C LEU A 403 -22.40 -63.62 6.50
N THR A 404 -23.31 -64.38 5.90
CA THR A 404 -23.01 -65.74 5.47
C THR A 404 -23.33 -65.91 3.98
N LEU A 405 -22.69 -66.90 3.36
CA LEU A 405 -22.82 -67.16 1.93
C LEU A 405 -23.48 -68.51 1.65
N VAL A 406 -23.87 -68.66 0.39
CA VAL A 406 -24.24 -69.95 -0.20
C VAL A 406 -23.52 -70.05 -1.54
N GLU A 407 -22.68 -71.07 -1.68
CA GLU A 407 -21.98 -71.30 -2.93
C GLU A 407 -22.89 -72.04 -3.91
N GLN A 408 -22.86 -71.61 -5.17
CA GLN A 408 -23.63 -72.28 -6.20
C GLN A 408 -22.99 -73.60 -6.60
N ARG A 409 -23.76 -74.42 -7.32
CA ARG A 409 -23.31 -75.66 -7.91
C ARG A 409 -23.67 -75.65 -9.40
N SER A 410 -23.41 -76.77 -10.08
CA SER A 410 -23.72 -76.99 -11.51
C SER A 410 -23.15 -75.93 -12.44
N GLY A 420 -6.84 -77.62 -12.82
CA GLY A 420 -5.96 -76.65 -12.20
C GLY A 420 -5.20 -77.19 -11.01
N PRO A 421 -3.89 -76.93 -10.96
CA PRO A 421 -3.09 -77.39 -9.82
C PRO A 421 -3.42 -76.67 -8.51
N LEU A 422 -4.00 -75.47 -8.57
CA LEU A 422 -4.50 -74.82 -7.36
C LEU A 422 -5.81 -75.47 -6.95
N GLY A 423 -6.04 -75.57 -5.66
CA GLY A 423 -7.19 -76.33 -5.19
C GLY A 423 -8.12 -75.58 -4.27
N VAL A 424 -8.37 -76.13 -3.09
CA VAL A 424 -9.38 -75.59 -2.19
C VAL A 424 -8.88 -74.30 -1.55
N THR A 425 -7.76 -74.38 -0.85
CA THR A 425 -7.21 -73.24 -0.13
C THR A 425 -6.26 -72.41 -0.99
N GLU A 426 -6.45 -72.43 -2.30
CA GLU A 426 -5.58 -71.72 -3.21
C GLU A 426 -6.38 -70.84 -4.16
N GLU A 427 -7.71 -70.85 -4.04
CA GLU A 427 -8.59 -70.04 -4.85
C GLU A 427 -8.77 -68.65 -4.25
N LEU A 428 -9.18 -67.70 -5.10
CA LEU A 428 -9.21 -66.29 -4.75
C LEU A 428 -10.63 -65.77 -4.84
N HIS A 429 -11.05 -65.03 -3.81
CA HIS A 429 -12.29 -64.24 -3.85
C HIS A 429 -12.05 -62.97 -3.02
N ILE A 430 -11.72 -61.87 -3.70
CA ILE A 430 -11.52 -60.57 -3.06
C ILE A 430 -12.81 -59.78 -3.13
N ILE A 431 -13.27 -59.32 -1.96
CA ILE A 431 -14.44 -58.46 -1.84
C ILE A 431 -14.00 -57.01 -1.73
N SER A 432 -14.61 -56.15 -2.54
CA SER A 432 -14.42 -54.71 -2.44
C SER A 432 -15.75 -54.09 -2.02
N PHE A 433 -15.78 -52.77 -1.88
CA PHE A 433 -16.95 -52.12 -1.28
C PHE A 433 -17.30 -50.82 -1.97
N THR A 434 -18.49 -50.78 -2.56
CA THR A 434 -18.98 -49.58 -3.21
C THR A 434 -19.43 -48.57 -2.17
N VAL A 435 -18.88 -47.38 -2.21
CA VAL A 435 -19.27 -46.29 -1.32
C VAL A 435 -19.72 -45.11 -2.18
N LYS A 436 -20.99 -44.74 -2.01
CA LYS A 436 -21.53 -43.54 -2.62
C LYS A 436 -21.33 -42.38 -1.65
N TYR A 437 -20.23 -41.65 -1.79
CA TYR A 437 -19.90 -40.58 -0.87
C TYR A 437 -20.16 -39.22 -1.50
N THR A 438 -20.69 -38.29 -0.69
CA THR A 438 -20.96 -36.93 -1.13
C THR A 438 -20.93 -35.99 0.07
N TYR A 439 -20.14 -34.92 -0.02
CA TYR A 439 -20.18 -33.86 0.98
C TYR A 439 -19.98 -32.53 0.28
N GLN A 440 -20.71 -31.51 0.74
CA GLN A 440 -20.79 -30.17 0.11
C GLN A 440 -21.15 -30.24 -1.37
N GLY A 441 -21.96 -31.22 -1.74
CA GLY A 441 -22.29 -31.45 -3.13
C GLY A 441 -21.24 -32.20 -3.93
N LEU A 442 -20.01 -32.30 -3.45
CA LEU A 442 -18.97 -33.01 -4.18
C LEU A 442 -19.24 -34.49 -4.11
N LYS A 443 -19.69 -35.07 -5.22
CA LYS A 443 -20.00 -36.49 -5.30
C LYS A 443 -18.75 -37.23 -5.73
N GLN A 444 -18.39 -38.27 -4.98
CA GLN A 444 -17.26 -39.09 -5.36
C GLN A 444 -17.45 -40.49 -4.82
N GLU A 445 -17.36 -41.47 -5.71
CA GLU A 445 -17.56 -42.86 -5.38
C GLU A 445 -16.26 -43.48 -4.91
N LEU A 446 -16.34 -44.30 -3.86
CA LEU A 446 -15.15 -44.95 -3.35
C LEU A 446 -15.29 -46.46 -3.31
N LYS A 447 -14.16 -47.12 -3.58
CA LYS A 447 -14.08 -48.58 -3.58
C LYS A 447 -12.69 -49.00 -3.15
N THR A 448 -12.63 -50.01 -2.29
CA THR A 448 -11.35 -50.50 -1.80
C THR A 448 -11.45 -52.00 -1.58
N ASP A 449 -10.45 -52.73 -2.05
CA ASP A 449 -10.41 -54.17 -2.02
C ASP A 449 -9.96 -54.67 -0.64
N THR A 450 -9.66 -55.97 -0.55
CA THR A 450 -9.29 -56.62 0.70
C THR A 450 -8.08 -57.53 0.46
N LEU A 451 -7.63 -58.16 1.54
CA LEU A 451 -6.58 -59.17 1.44
C LEU A 451 -7.11 -60.41 0.72
N PRO A 452 -6.22 -61.16 0.06
CA PRO A 452 -6.65 -62.44 -0.53
C PRO A 452 -7.08 -63.44 0.52
N VAL A 453 -8.32 -63.88 0.41
CA VAL A 453 -8.96 -64.76 1.36
C VAL A 453 -9.17 -66.12 0.70
N VAL A 454 -8.93 -67.20 1.45
CA VAL A 454 -9.18 -68.54 0.93
C VAL A 454 -10.46 -69.08 1.54
N ILE A 455 -11.07 -70.02 0.83
CA ILE A 455 -12.35 -70.61 1.19
C ILE A 455 -12.13 -72.09 1.39
N ILE A 456 -12.63 -72.62 2.49
CA ILE A 456 -12.39 -74.02 2.82
C ILE A 456 -13.69 -74.81 2.87
N SER A 457 -13.57 -76.11 3.14
CA SER A 457 -14.72 -76.94 3.41
C SER A 457 -14.47 -77.97 4.51
N ASN A 458 -13.30 -77.99 5.14
CA ASN A 458 -12.96 -79.07 6.04
C ASN A 458 -11.85 -78.62 6.98
N MET A 459 -11.78 -79.29 8.13
CA MET A 459 -10.90 -78.86 9.20
C MET A 459 -9.43 -79.08 8.88
N ASN A 460 -9.13 -80.09 8.05
CA ASN A 460 -7.75 -80.34 7.65
C ASN A 460 -7.22 -79.26 6.71
N GLN A 461 -8.11 -78.52 6.06
CA GLN A 461 -7.70 -77.42 5.22
C GLN A 461 -7.20 -76.23 6.03
N LEU A 462 -7.44 -76.22 7.34
CA LEU A 462 -6.90 -75.16 8.18
C LEU A 462 -5.38 -75.19 8.24
N SER A 463 -4.79 -76.39 8.16
CA SER A 463 -3.35 -76.54 8.32
C SER A 463 -2.60 -75.98 7.13
N ILE A 464 -2.84 -76.56 5.96
CA ILE A 464 -2.20 -76.08 4.74
C ILE A 464 -2.76 -74.73 4.30
N ALA A 465 -3.95 -74.36 4.79
CA ALA A 465 -4.43 -73.00 4.57
C ALA A 465 -3.60 -72.00 5.35
N TRP A 466 -3.26 -72.32 6.60
CA TRP A 466 -2.51 -71.36 7.39
C TRP A 466 -1.04 -71.33 7.00
N ALA A 467 -0.49 -72.50 6.62
CA ALA A 467 0.84 -72.53 6.02
C ALA A 467 0.85 -71.82 4.68
N SER A 468 -0.28 -71.84 3.97
CA SER A 468 -0.43 -70.97 2.81
C SER A 468 -0.44 -69.51 3.22
N VAL A 469 -1.07 -69.20 4.36
CA VAL A 469 -1.25 -67.82 4.81
C VAL A 469 0.09 -67.18 5.15
N LEU A 470 0.96 -67.90 5.86
CA LEU A 470 2.33 -67.43 6.00
C LEU A 470 3.05 -67.45 4.66
N TRP A 471 2.81 -68.50 3.88
CA TRP A 471 3.50 -68.81 2.63
C TRP A 471 3.24 -67.76 1.55
N PHE A 472 2.32 -66.83 1.75
CA PHE A 472 2.30 -65.60 0.97
C PHE A 472 2.50 -64.35 1.82
N ASN A 473 2.02 -64.34 3.07
CA ASN A 473 2.05 -63.12 3.87
C ASN A 473 3.45 -62.73 4.30
N LEU A 474 4.44 -63.58 4.12
CA LEU A 474 5.81 -63.07 4.10
C LEU A 474 6.40 -63.16 2.70
N LEU A 475 5.75 -63.85 1.79
CA LEU A 475 6.29 -64.20 0.49
C LEU A 475 5.45 -63.62 -0.65
N SER A 476 5.06 -62.34 -0.54
CA SER A 476 4.32 -61.67 -1.61
C SER A 476 4.49 -60.16 -1.52
N PRO A 477 5.43 -59.59 -2.25
CA PRO A 477 5.40 -58.15 -2.52
C PRO A 477 4.37 -57.85 -3.59
N ASN A 478 3.83 -56.62 -3.53
CA ASN A 478 2.73 -56.15 -4.37
C ASN A 478 1.53 -57.10 -4.26
N LEU A 479 1.16 -57.42 -3.02
CA LEU A 479 0.34 -58.58 -2.73
C LEU A 479 -1.12 -58.40 -3.10
N GLN A 480 -1.60 -57.18 -3.23
CA GLN A 480 -3.04 -56.96 -3.38
C GLN A 480 -3.41 -57.22 -4.82
N ASN A 481 -3.66 -58.49 -5.15
CA ASN A 481 -4.03 -58.83 -6.51
C ASN A 481 -4.85 -60.11 -6.56
N GLN A 482 -5.31 -60.42 -7.77
CA GLN A 482 -6.09 -61.59 -8.09
C GLN A 482 -5.16 -62.78 -8.34
N GLN A 483 -5.74 -63.99 -8.23
CA GLN A 483 -5.22 -65.22 -8.83
C GLN A 483 -3.82 -65.56 -8.30
N PHE A 484 -3.77 -65.84 -7.00
CA PHE A 484 -2.50 -66.07 -6.33
C PHE A 484 -2.04 -67.52 -6.53
N PHE A 485 -1.03 -67.92 -5.75
CA PHE A 485 -0.51 -69.27 -5.51
C PHE A 485 0.34 -69.82 -6.65
N SER A 486 0.39 -69.14 -7.81
CA SER A 486 0.89 -69.76 -9.05
C SER A 486 2.38 -70.08 -8.99
N ASN A 487 3.22 -69.06 -8.88
CA ASN A 487 4.67 -69.26 -8.74
C ASN A 487 5.19 -68.40 -7.61
N PRO A 488 5.07 -68.85 -6.36
CA PRO A 488 5.77 -68.17 -5.27
C PRO A 488 7.10 -68.83 -4.98
N PRO A 489 8.07 -68.11 -4.43
CA PRO A 489 9.25 -68.76 -3.87
C PRO A 489 8.95 -69.34 -2.51
N LYS A 490 9.80 -70.28 -2.07
CA LYS A 490 9.59 -70.99 -0.81
C LYS A 490 9.93 -70.12 0.38
N ALA A 491 10.03 -70.74 1.55
CA ALA A 491 10.04 -70.01 2.81
C ALA A 491 11.39 -70.09 3.51
N PRO A 492 12.15 -69.00 3.58
CA PRO A 492 13.21 -68.88 4.58
C PRO A 492 12.65 -68.45 5.92
N TRP A 493 12.83 -69.28 6.94
CA TRP A 493 12.07 -69.20 8.18
C TRP A 493 12.62 -68.20 9.17
N SER A 494 13.38 -67.21 8.69
CA SER A 494 14.11 -66.28 9.54
C SER A 494 13.17 -65.41 10.37
N LEU A 495 11.98 -65.11 9.86
CA LEU A 495 10.91 -64.56 10.66
C LEU A 495 9.77 -65.55 10.85
N LEU A 496 9.65 -66.55 9.97
CA LEU A 496 8.62 -67.56 10.14
C LEU A 496 8.86 -68.38 11.38
N GLY A 497 10.11 -68.65 11.72
CA GLY A 497 10.48 -69.22 12.99
C GLY A 497 10.01 -68.39 14.16
N PRO A 498 10.33 -67.09 14.16
CA PRO A 498 9.66 -66.17 15.08
C PRO A 498 8.15 -66.11 14.93
N ALA A 499 7.58 -66.45 13.77
CA ALA A 499 6.13 -66.35 13.62
C ALA A 499 5.42 -67.51 14.31
N LEU A 500 5.89 -68.74 14.05
CA LEU A 500 5.38 -69.87 14.79
C LEU A 500 5.76 -69.77 16.26
N SER A 501 6.89 -69.11 16.55
CA SER A 501 7.24 -68.80 17.93
C SER A 501 6.21 -67.90 18.57
N TRP A 502 5.70 -66.93 17.82
CA TRP A 502 4.55 -66.15 18.28
C TRP A 502 3.33 -67.06 18.47
N GLN A 503 3.21 -68.11 17.67
CA GLN A 503 1.99 -68.92 17.75
C GLN A 503 1.97 -69.82 18.98
N PHE A 504 2.84 -70.83 19.05
CA PHE A 504 2.74 -71.70 20.21
C PHE A 504 3.54 -71.17 21.40
N SER A 505 4.51 -70.28 21.19
CA SER A 505 5.06 -69.57 22.31
C SER A 505 4.13 -68.45 22.77
N SER A 506 3.12 -68.09 21.97
CA SER A 506 1.98 -67.39 22.55
C SER A 506 1.07 -68.36 23.29
N TYR A 507 1.07 -69.64 22.93
CA TYR A 507 0.12 -70.54 23.55
C TYR A 507 0.57 -71.01 24.94
N VAL A 508 1.64 -71.81 25.01
CA VAL A 508 2.08 -72.41 26.27
C VAL A 508 3.50 -72.92 26.10
N GLY A 509 4.19 -73.14 27.21
CA GLY A 509 5.52 -73.75 27.22
C GLY A 509 5.69 -74.73 28.36
N GLU B 6 5.54 -27.94 -35.82
CA GLU B 6 6.73 -28.63 -36.32
C GLU B 6 7.92 -28.34 -35.41
N THR B 7 7.83 -27.31 -34.59
CA THR B 7 8.93 -26.95 -33.71
C THR B 7 8.91 -27.84 -32.48
N LEU B 8 9.73 -27.47 -31.50
CA LEU B 8 9.87 -28.27 -30.31
C LEU B 8 9.10 -27.70 -29.14
N GLY B 9 9.13 -26.38 -28.99
CA GLY B 9 8.49 -25.72 -27.88
C GLY B 9 6.98 -25.74 -27.92
N GLU B 10 6.39 -26.21 -29.00
CA GLU B 10 4.95 -26.26 -29.11
C GLU B 10 4.33 -27.29 -28.19
N LYS B 11 5.09 -28.29 -27.77
CA LYS B 11 4.54 -29.35 -26.97
C LYS B 11 4.56 -29.05 -25.48
N TRP B 12 5.22 -27.97 -25.06
CA TRP B 12 4.87 -27.34 -23.80
C TRP B 12 3.38 -27.02 -23.81
N LYS B 13 2.94 -26.38 -24.88
CA LYS B 13 1.56 -25.96 -25.02
C LYS B 13 0.68 -27.02 -25.62
N ALA B 14 1.20 -28.22 -25.87
CA ALA B 14 0.34 -29.36 -26.18
C ALA B 14 0.14 -30.23 -24.94
N ARG B 15 1.24 -30.72 -24.37
CA ARG B 15 1.17 -31.54 -23.16
C ARG B 15 0.61 -30.74 -22.00
N LEU B 16 1.26 -29.63 -21.67
CA LEU B 16 0.91 -28.87 -20.46
C LEU B 16 -0.47 -28.27 -20.56
N ASN B 17 -0.95 -28.00 -21.77
CA ASN B 17 -2.33 -27.61 -21.92
C ASN B 17 -3.26 -28.79 -21.67
N GLN B 18 -2.97 -29.93 -22.31
CA GLN B 18 -3.97 -30.98 -22.26
C GLN B 18 -3.96 -31.78 -20.97
N MET B 19 -3.02 -31.53 -20.06
CA MET B 19 -2.92 -32.32 -18.85
C MET B 19 -3.32 -31.50 -17.62
N SER B 20 -3.23 -32.13 -16.46
CA SER B 20 -3.99 -31.73 -15.29
C SER B 20 -3.33 -30.55 -14.55
N ALA B 21 -3.76 -30.32 -13.31
CA ALA B 21 -3.36 -29.14 -12.55
C ALA B 21 -2.12 -29.37 -11.69
N LEU B 22 -2.10 -30.44 -10.90
CA LEU B 22 -0.91 -30.72 -10.09
C LEU B 22 0.30 -31.09 -10.93
N GLU B 23 0.12 -31.51 -12.17
CA GLU B 23 1.29 -31.70 -13.03
C GLU B 23 1.85 -30.36 -13.47
N PHE B 24 0.99 -29.37 -13.66
CA PHE B 24 1.48 -28.05 -14.02
C PHE B 24 2.10 -27.35 -12.83
N TYR B 25 1.43 -27.42 -11.68
CA TYR B 25 1.94 -26.77 -10.49
C TYR B 25 3.16 -27.49 -9.97
N SER B 26 3.16 -28.82 -10.05
CA SER B 26 4.28 -29.61 -9.58
C SER B 26 5.45 -29.52 -10.54
N TYR B 27 5.17 -29.37 -11.83
CA TYR B 27 6.26 -29.17 -12.77
C TYR B 27 6.85 -27.77 -12.65
N LYS B 28 6.00 -26.77 -12.40
CA LYS B 28 6.33 -25.36 -12.56
C LYS B 28 7.44 -24.91 -11.61
N LYS B 29 7.58 -25.55 -10.46
CA LYS B 29 8.65 -25.27 -9.53
C LYS B 29 9.78 -26.29 -9.59
N SER B 30 9.65 -27.32 -10.43
CA SER B 30 10.56 -28.46 -10.44
C SER B 30 11.79 -28.20 -11.30
N GLY B 31 12.97 -28.25 -10.69
CA GLY B 31 14.21 -28.24 -11.44
C GLY B 31 14.65 -26.89 -11.96
N ILE B 32 14.23 -25.80 -11.32
CA ILE B 32 14.55 -24.45 -11.76
C ILE B 32 15.39 -23.73 -10.72
N THR B 33 16.22 -22.82 -11.19
CA THR B 33 17.16 -22.11 -10.33
C THR B 33 16.45 -20.95 -9.65
N GLU B 34 16.33 -20.99 -8.32
CA GLU B 34 15.71 -19.89 -7.62
C GLU B 34 16.71 -19.15 -6.74
N VAL B 35 16.24 -18.05 -6.17
CA VAL B 35 17.00 -17.16 -5.31
C VAL B 35 16.16 -16.86 -4.09
N CYS B 36 16.76 -16.99 -2.90
CA CYS B 36 16.02 -16.89 -1.64
C CYS B 36 15.51 -15.48 -1.40
N ARG B 37 14.19 -15.35 -1.30
CA ARG B 37 13.52 -14.06 -1.31
C ARG B 37 12.43 -13.92 -0.26
N GLU B 38 12.20 -14.94 0.56
CA GLU B 38 11.12 -14.91 1.56
C GLU B 38 11.40 -13.90 2.66
N GLU B 39 12.66 -13.52 2.85
CA GLU B 39 13.03 -12.52 3.84
C GLU B 39 12.46 -11.16 3.48
N ALA B 40 12.96 -10.56 2.40
CA ALA B 40 12.65 -9.19 2.05
C ALA B 40 11.20 -8.99 1.62
N ARG B 41 10.54 -10.07 1.20
CA ARG B 41 9.10 -10.06 1.00
C ARG B 41 8.34 -9.76 2.27
N ARG B 42 9.00 -10.04 3.40
CA ARG B 42 8.46 -9.77 4.77
C ARG B 42 9.37 -8.78 5.50
N ALA B 43 10.61 -8.57 5.04
CA ALA B 43 11.51 -7.65 5.72
C ALA B 43 11.33 -6.23 5.19
N LEU B 44 11.34 -6.08 3.87
CA LEU B 44 11.10 -4.76 3.29
C LEU B 44 9.63 -4.38 3.33
N LYS B 45 8.80 -5.34 3.71
CA LYS B 45 7.36 -5.09 3.99
C LYS B 45 7.27 -4.29 5.31
N ASP B 46 8.15 -4.60 6.27
CA ASP B 46 8.14 -3.94 7.58
C ASP B 46 8.44 -2.46 7.43
N GLY B 47 9.34 -2.10 6.53
CA GLY B 47 9.48 -0.70 6.18
C GLY B 47 10.91 -0.22 6.14
N VAL B 48 11.86 -1.13 6.31
CA VAL B 48 13.26 -0.74 6.31
C VAL B 48 13.68 -0.30 4.91
N ALA B 49 14.23 0.90 4.82
CA ALA B 49 14.63 1.46 3.54
C ALA B 49 16.07 1.14 3.20
N THR B 50 16.56 0.01 3.69
CA THR B 50 17.93 -0.41 3.48
C THR B 50 17.89 -1.92 3.30
N GLY B 51 18.89 -2.46 2.61
CA GLY B 51 18.94 -3.86 2.32
C GLY B 51 19.64 -4.10 1.02
N GLY B 52 19.86 -3.04 0.25
CA GLY B 52 20.66 -3.14 -0.95
C GLY B 52 20.09 -4.01 -2.05
N HIS B 53 18.81 -4.36 -1.96
CA HIS B 53 18.16 -5.20 -2.95
C HIS B 53 16.67 -4.90 -2.95
N ALA B 54 16.09 -4.88 -4.15
CA ALA B 54 14.71 -4.48 -4.31
C ALA B 54 13.76 -5.63 -4.03
N VAL B 55 12.48 -5.30 -3.86
CA VAL B 55 11.47 -6.34 -3.88
C VAL B 55 11.08 -6.58 -5.33
N SER B 56 11.90 -7.37 -5.99
CA SER B 56 11.70 -7.73 -7.39
C SER B 56 12.20 -9.15 -7.54
N ARG B 57 12.33 -9.59 -8.78
CA ARG B 57 12.90 -10.91 -9.00
C ARG B 57 14.10 -10.85 -9.93
N GLY B 58 13.99 -10.15 -11.04
CA GLY B 58 14.97 -10.16 -12.11
C GLY B 58 16.20 -9.33 -11.91
N SER B 59 16.38 -8.71 -10.75
CA SER B 59 17.65 -8.06 -10.47
C SER B 59 18.76 -9.08 -10.39
N ALA B 60 18.43 -10.29 -9.98
CA ALA B 60 19.38 -11.38 -10.10
C ALA B 60 19.60 -11.76 -11.56
N LYS B 61 18.61 -11.56 -12.43
CA LYS B 61 18.82 -11.89 -13.83
C LYS B 61 19.82 -10.94 -14.46
N LEU B 62 19.68 -9.65 -14.16
CA LEU B 62 20.70 -8.72 -14.63
C LEU B 62 21.99 -8.87 -13.86
N ARG B 63 21.94 -9.43 -12.66
CA ARG B 63 23.17 -9.77 -11.95
C ARG B 63 23.93 -10.82 -12.72
N TRP B 64 23.25 -11.90 -13.09
CA TRP B 64 23.88 -13.00 -13.80
C TRP B 64 24.36 -12.57 -15.16
N LEU B 65 23.58 -11.74 -15.83
CA LEU B 65 23.88 -11.41 -17.21
C LEU B 65 24.94 -10.32 -17.27
N VAL B 66 24.75 -9.26 -16.50
CA VAL B 66 25.65 -8.12 -16.54
C VAL B 66 26.98 -8.48 -15.90
N GLU B 67 26.94 -9.21 -14.78
CA GLU B 67 28.18 -9.77 -14.26
C GLU B 67 28.77 -10.80 -15.19
N ARG B 68 27.91 -11.53 -15.92
CA ARG B 68 28.40 -12.56 -16.82
C ARG B 68 29.17 -11.94 -17.98
N GLY B 69 28.88 -10.69 -18.31
CA GLY B 69 29.69 -9.96 -19.26
C GLY B 69 29.01 -9.75 -20.59
N TYR B 70 27.78 -10.22 -20.74
CA TYR B 70 27.05 -9.99 -21.96
C TYR B 70 26.51 -8.57 -22.05
N LEU B 71 26.63 -7.78 -21.00
CA LEU B 71 26.06 -6.45 -20.98
C LEU B 71 26.83 -5.57 -20.01
N GLN B 72 27.18 -4.37 -20.45
CA GLN B 72 27.90 -3.41 -19.62
C GLN B 72 27.29 -2.02 -19.81
N PRO B 73 26.21 -1.72 -19.09
CA PRO B 73 25.52 -0.44 -19.30
C PRO B 73 26.35 0.74 -18.83
N TYR B 74 25.94 1.93 -19.28
CA TYR B 74 26.70 3.15 -19.12
C TYR B 74 25.80 4.32 -19.43
N GLY B 75 26.13 5.48 -18.87
CA GLY B 75 25.49 6.74 -19.23
C GLY B 75 24.03 6.85 -18.89
N LYS B 76 23.19 7.02 -19.91
CA LYS B 76 21.76 7.19 -19.70
C LYS B 76 21.05 5.89 -20.02
N VAL B 77 20.10 5.52 -19.17
CA VAL B 77 19.42 4.24 -19.27
C VAL B 77 17.92 4.50 -19.27
N VAL B 78 17.21 3.89 -20.20
CA VAL B 78 15.75 3.98 -20.22
C VAL B 78 15.19 2.59 -19.92
N ASP B 79 14.42 2.49 -18.85
CA ASP B 79 13.74 1.26 -18.52
C ASP B 79 12.33 1.32 -19.08
N LEU B 80 11.75 0.13 -19.25
CA LEU B 80 10.40 0.03 -19.78
C LEU B 80 9.70 -1.15 -19.12
N GLY B 81 8.39 -1.01 -18.90
CA GLY B 81 7.59 -1.99 -18.19
C GLY B 81 8.10 -2.19 -16.77
N CYS B 82 8.33 -1.09 -16.06
CA CYS B 82 9.21 -1.07 -14.90
C CYS B 82 8.62 -1.84 -13.72
N GLY B 83 7.31 -1.75 -13.51
CA GLY B 83 6.67 -2.58 -12.51
C GLY B 83 7.03 -2.20 -11.08
N ARG B 84 7.91 -2.97 -10.46
CA ARG B 84 8.57 -2.59 -9.23
C ARG B 84 9.89 -1.87 -9.48
N GLY B 85 10.39 -1.92 -10.69
CA GLY B 85 11.56 -1.13 -11.03
C GLY B 85 12.87 -1.65 -10.53
N GLY B 86 12.90 -2.86 -9.99
CA GLY B 86 14.13 -3.39 -9.41
C GLY B 86 15.21 -3.63 -10.42
N TRP B 87 14.84 -3.79 -11.69
CA TRP B 87 15.81 -3.79 -12.77
C TRP B 87 16.62 -2.51 -12.74
N SER B 88 15.94 -1.39 -12.59
CA SER B 88 16.61 -0.11 -12.62
C SER B 88 17.42 0.11 -11.36
N TYR B 89 16.92 -0.39 -10.22
CA TYR B 89 17.67 -0.30 -8.97
C TYR B 89 18.97 -1.06 -9.07
N TYR B 90 18.93 -2.23 -9.71
CA TYR B 90 20.17 -2.96 -9.92
C TYR B 90 21.05 -2.27 -10.94
N ALA B 91 20.43 -1.60 -11.92
CA ALA B 91 21.20 -0.85 -12.88
C ALA B 91 21.93 0.32 -12.25
N ALA B 92 21.40 0.84 -11.15
CA ALA B 92 21.97 2.00 -10.49
C ALA B 92 23.35 1.72 -9.91
N THR B 93 23.64 0.48 -9.59
CA THR B 93 24.88 0.20 -8.92
C THR B 93 26.09 0.23 -9.84
N ILE B 94 25.88 0.24 -11.15
CA ILE B 94 26.97 0.07 -12.09
C ILE B 94 27.78 1.35 -12.18
N ARG B 95 29.11 1.22 -12.10
CA ARG B 95 29.97 2.39 -12.03
C ARG B 95 30.25 3.02 -13.38
N LYS B 96 29.21 3.15 -14.20
CA LYS B 96 29.21 3.98 -15.38
C LYS B 96 27.88 4.67 -15.59
N VAL B 97 26.86 4.29 -14.82
CA VAL B 97 25.51 4.78 -15.03
C VAL B 97 25.42 6.22 -14.56
N GLN B 98 24.87 7.09 -15.40
CA GLN B 98 24.78 8.49 -15.07
C GLN B 98 23.36 9.00 -14.91
N GLU B 99 22.37 8.25 -15.41
CA GLU B 99 20.97 8.61 -15.26
C GLU B 99 20.13 7.42 -15.65
N VAL B 100 19.05 7.19 -14.93
CA VAL B 100 18.09 6.15 -15.28
C VAL B 100 16.68 6.73 -15.30
N ARG B 101 16.00 6.61 -16.43
CA ARG B 101 14.60 6.96 -16.56
C ARG B 101 13.75 5.71 -16.41
N GLY B 102 12.85 5.73 -15.45
CA GLY B 102 12.00 4.57 -15.29
C GLY B 102 10.58 4.86 -15.69
N TYR B 103 10.11 4.24 -16.77
CA TYR B 103 8.84 4.60 -17.38
C TYR B 103 7.95 3.36 -17.45
N THR B 104 6.77 3.45 -16.87
CA THR B 104 5.88 2.31 -16.83
C THR B 104 4.43 2.71 -16.76
N LYS B 105 3.58 1.69 -16.85
CA LYS B 105 2.16 1.89 -17.08
C LYS B 105 1.43 2.23 -15.80
N GLY B 106 1.44 1.32 -14.86
CA GLY B 106 0.61 1.50 -13.69
C GLY B 106 -0.85 1.26 -14.01
N GLY B 107 -1.71 1.81 -13.14
CA GLY B 107 -3.17 1.68 -13.26
C GLY B 107 -3.68 0.40 -12.62
N PRO B 108 -5.00 0.22 -12.59
CA PRO B 108 -5.59 -0.98 -12.00
C PRO B 108 -5.24 -2.22 -12.84
N GLY B 109 -5.04 -3.37 -12.19
CA GLY B 109 -4.69 -4.62 -12.90
C GLY B 109 -3.21 -4.71 -13.22
N HIS B 110 -2.42 -3.77 -12.70
CA HIS B 110 -0.98 -3.79 -12.93
C HIS B 110 -0.27 -3.56 -11.60
N GLU B 111 1.02 -3.28 -11.65
CA GLU B 111 1.85 -3.27 -10.46
C GLU B 111 2.60 -1.94 -10.39
N GLU B 112 2.18 -1.10 -9.45
CA GLU B 112 2.72 0.24 -9.26
C GLU B 112 4.14 0.15 -8.71
N PRO B 113 4.94 1.19 -8.86
CA PRO B 113 6.29 1.10 -8.32
C PRO B 113 6.40 1.30 -6.81
N MET B 114 7.64 1.33 -6.30
CA MET B 114 7.91 1.54 -4.88
C MET B 114 9.31 2.14 -4.75
N LEU B 115 9.53 2.85 -3.63
CA LEU B 115 10.65 3.78 -3.51
C LEU B 115 11.59 3.40 -2.37
N VAL B 116 12.44 2.41 -2.61
CA VAL B 116 13.40 1.97 -1.61
C VAL B 116 14.70 2.72 -1.81
N GLN B 117 15.19 3.36 -0.76
CA GLN B 117 16.48 4.02 -0.89
C GLN B 117 17.57 2.96 -0.81
N SER B 118 17.80 2.32 -1.94
CA SER B 118 19.00 1.54 -2.08
C SER B 118 20.08 2.48 -2.61
N TYR B 119 21.27 1.92 -2.79
CA TYR B 119 22.43 2.69 -3.22
C TYR B 119 22.18 3.33 -4.57
N GLY B 120 22.71 4.53 -4.77
CA GLY B 120 22.38 5.29 -5.94
C GLY B 120 20.95 5.78 -5.89
N TRP B 121 20.67 6.74 -5.02
CA TRP B 121 19.30 7.15 -4.80
C TRP B 121 18.88 8.39 -5.58
N ASN B 122 19.76 9.38 -5.70
CA ASN B 122 19.42 10.59 -6.42
C ASN B 122 19.24 10.37 -7.91
N ILE B 123 19.86 9.32 -8.45
CA ILE B 123 20.06 9.20 -9.88
C ILE B 123 18.91 8.51 -10.59
N VAL B 124 17.93 8.03 -9.86
CA VAL B 124 16.75 7.44 -10.45
C VAL B 124 15.83 8.55 -10.94
N ARG B 125 15.09 8.29 -12.01
CA ARG B 125 13.94 9.10 -12.42
C ARG B 125 12.86 8.10 -12.76
N LEU B 126 12.12 7.66 -11.77
CA LEU B 126 11.19 6.55 -11.93
C LEU B 126 9.80 7.16 -12.04
N LYS B 127 9.22 7.11 -13.24
CA LYS B 127 7.94 7.76 -13.48
C LYS B 127 6.88 6.74 -13.85
N SER B 128 5.79 6.73 -13.09
CA SER B 128 4.65 5.85 -13.37
C SER B 128 3.75 6.50 -14.41
N GLY B 129 2.55 5.96 -14.55
CA GLY B 129 1.52 6.55 -15.41
C GLY B 129 1.65 6.39 -16.90
N VAL B 130 2.84 6.63 -17.44
CA VAL B 130 3.03 6.78 -18.88
C VAL B 130 2.87 5.42 -19.57
N ASP B 131 1.96 5.37 -20.52
CA ASP B 131 1.81 4.17 -21.33
C ASP B 131 2.70 4.29 -22.56
N VAL B 132 3.38 3.21 -22.90
CA VAL B 132 4.35 3.26 -23.99
C VAL B 132 3.76 2.71 -25.28
N PHE B 133 2.44 2.57 -25.36
CA PHE B 133 1.80 2.39 -26.66
C PHE B 133 1.97 3.63 -27.52
N HIS B 134 2.06 4.80 -26.90
CA HIS B 134 2.02 6.07 -27.61
C HIS B 134 3.12 6.99 -27.10
N MET B 135 4.33 6.47 -27.06
CA MET B 135 5.46 7.22 -26.53
C MET B 135 6.44 7.55 -27.64
N ALA B 136 6.84 8.81 -27.70
CA ALA B 136 7.84 9.24 -28.66
C ALA B 136 9.19 8.65 -28.35
N ALA B 137 9.96 8.39 -29.39
CA ALA B 137 11.26 7.75 -29.26
C ALA B 137 12.29 8.75 -28.77
N GLU B 138 13.07 8.34 -27.77
CA GLU B 138 13.99 9.22 -27.06
C GLU B 138 15.36 8.57 -27.00
N PRO B 139 16.42 9.36 -26.97
CA PRO B 139 17.77 8.78 -26.98
C PRO B 139 18.13 8.21 -25.62
N CYS B 140 19.08 7.27 -25.62
CA CYS B 140 19.64 6.74 -24.39
C CYS B 140 21.03 6.20 -24.67
N ASP B 141 21.52 5.37 -23.76
CA ASP B 141 22.73 4.59 -23.99
C ASP B 141 22.56 3.14 -23.66
N THR B 142 21.53 2.76 -22.93
CA THR B 142 21.22 1.38 -22.63
C THR B 142 19.71 1.26 -22.63
N LEU B 143 19.18 0.25 -23.31
CA LEU B 143 17.75 0.13 -23.46
C LEU B 143 17.29 -1.20 -22.88
N LEU B 144 16.15 -1.19 -22.21
CA LEU B 144 15.63 -2.37 -21.55
C LEU B 144 14.14 -2.43 -21.76
N CYS B 145 13.60 -3.65 -21.89
CA CYS B 145 12.16 -3.83 -21.90
C CYS B 145 11.79 -5.19 -21.34
N ASP B 146 10.72 -5.24 -20.55
CA ASP B 146 10.35 -6.44 -19.82
C ASP B 146 8.84 -6.62 -19.75
N ILE B 147 8.13 -6.53 -20.87
CA ILE B 147 6.68 -6.73 -20.84
C ILE B 147 6.35 -8.09 -21.46
N GLY B 148 5.95 -9.04 -20.62
CA GLY B 148 5.70 -10.40 -21.09
C GLY B 148 4.46 -11.08 -20.55
N GLU B 149 3.57 -11.47 -21.46
CA GLU B 149 2.31 -12.11 -21.10
C GLU B 149 2.14 -13.39 -21.88
N SER B 150 1.52 -14.38 -21.25
CA SER B 150 1.46 -15.73 -21.78
C SER B 150 0.05 -16.08 -22.22
N SER B 151 -0.04 -16.99 -23.18
CA SER B 151 -1.32 -17.36 -23.78
C SER B 151 -1.38 -18.87 -23.97
N SER B 152 -2.58 -19.33 -24.34
CA SER B 152 -2.76 -20.75 -24.65
C SER B 152 -2.32 -21.06 -26.08
N SER B 153 -3.00 -20.49 -27.05
CA SER B 153 -2.55 -20.66 -28.42
C SER B 153 -1.35 -19.75 -28.64
N PRO B 154 -0.22 -20.28 -29.08
CA PRO B 154 1.04 -19.53 -29.00
C PRO B 154 1.17 -18.38 -29.98
N GLU B 155 0.40 -18.36 -31.07
CA GLU B 155 0.49 -17.22 -31.98
C GLU B 155 -0.11 -15.97 -31.37
N VAL B 156 -0.96 -16.15 -30.35
CA VAL B 156 -1.60 -15.02 -29.66
C VAL B 156 -0.54 -14.20 -28.94
N GLU B 157 0.44 -14.88 -28.38
CA GLU B 157 1.56 -14.19 -27.77
C GLU B 157 2.72 -13.94 -28.73
N GLU B 158 2.74 -14.64 -29.87
CA GLU B 158 3.60 -14.19 -30.97
C GLU B 158 3.18 -12.82 -31.46
N THR B 159 1.88 -12.51 -31.41
CA THR B 159 1.38 -11.20 -31.78
C THR B 159 1.96 -10.11 -30.89
N ARG B 160 1.98 -10.35 -29.58
CA ARG B 160 2.53 -9.38 -28.65
C ARG B 160 4.02 -9.23 -28.81
N THR B 161 4.70 -10.33 -29.13
CA THR B 161 6.12 -10.26 -29.47
C THR B 161 6.33 -9.36 -30.69
N LEU B 162 5.44 -9.47 -31.66
CA LEU B 162 5.51 -8.62 -32.84
C LEU B 162 5.26 -7.16 -32.50
N ARG B 163 4.34 -6.88 -31.58
CA ARG B 163 4.11 -5.50 -31.16
C ARG B 163 5.33 -4.94 -30.48
N VAL B 164 5.92 -5.72 -29.58
CA VAL B 164 6.98 -5.15 -28.78
C VAL B 164 8.26 -5.05 -29.60
N LEU B 165 8.46 -5.94 -30.56
CA LEU B 165 9.56 -5.76 -31.50
C LEU B 165 9.31 -4.60 -32.44
N SER B 166 8.04 -4.25 -32.66
CA SER B 166 7.77 -3.00 -33.34
C SER B 166 8.14 -1.82 -32.46
N MET B 167 7.90 -1.93 -31.15
CA MET B 167 8.15 -0.80 -30.26
C MET B 167 9.63 -0.58 -30.03
N VAL B 168 10.38 -1.64 -29.78
CA VAL B 168 11.80 -1.46 -29.63
C VAL B 168 12.46 -1.22 -30.97
N GLY B 169 11.97 -1.88 -32.04
CA GLY B 169 12.57 -1.72 -33.34
C GLY B 169 12.38 -0.33 -33.89
N ASP B 170 11.27 0.29 -33.55
CA ASP B 170 11.10 1.70 -33.81
C ASP B 170 11.78 2.55 -32.77
N TRP B 171 12.13 1.98 -31.63
CA TRP B 171 12.72 2.81 -30.59
C TRP B 171 14.19 3.04 -30.84
N LEU B 172 14.92 2.00 -31.23
CA LEU B 172 16.37 1.94 -31.09
C LEU B 172 17.11 2.73 -32.15
N GLU B 173 16.43 3.63 -32.81
CA GLU B 173 16.91 4.29 -34.02
C GLU B 173 17.98 5.33 -33.74
N LYS B 174 18.39 5.52 -32.48
CA LYS B 174 19.51 6.39 -32.17
C LYS B 174 20.81 5.86 -32.74
N ARG B 175 20.94 4.53 -32.84
CA ARG B 175 22.13 3.70 -32.73
C ARG B 175 22.73 3.90 -31.35
N PRO B 176 22.09 3.40 -30.26
CA PRO B 176 22.70 3.53 -28.93
C PRO B 176 23.85 2.55 -28.72
N GLY B 177 24.32 2.46 -27.48
CA GLY B 177 25.42 1.57 -27.19
C GLY B 177 25.03 0.12 -27.07
N ALA B 178 24.21 -0.22 -26.09
CA ALA B 178 23.87 -1.61 -25.85
C ALA B 178 22.43 -1.69 -25.38
N PHE B 179 21.94 -2.92 -25.21
CA PHE B 179 20.55 -3.12 -24.83
C PHE B 179 20.40 -4.43 -24.08
N CYS B 180 19.16 -4.66 -23.63
CA CYS B 180 18.77 -5.92 -23.00
C CYS B 180 17.26 -6.04 -23.19
N ILE B 181 16.84 -6.78 -24.20
CA ILE B 181 15.44 -6.77 -24.59
C ILE B 181 14.89 -8.16 -24.36
N LYS B 182 13.66 -8.22 -23.88
CA LYS B 182 13.00 -9.49 -23.61
C LYS B 182 12.22 -9.92 -24.84
N VAL B 183 12.25 -11.22 -25.12
CA VAL B 183 11.51 -11.82 -26.21
C VAL B 183 10.60 -12.89 -25.63
N LEU B 184 9.32 -12.85 -25.99
CA LEU B 184 8.40 -13.86 -25.47
C LEU B 184 8.65 -15.23 -26.09
N CYS B 185 8.53 -15.32 -27.41
CA CYS B 185 8.36 -16.59 -28.10
C CYS B 185 9.39 -16.69 -29.22
N PRO B 186 10.61 -17.03 -28.89
CA PRO B 186 11.70 -16.99 -29.88
C PRO B 186 11.91 -18.33 -30.59
N TYR B 187 10.85 -18.91 -31.12
CA TYR B 187 11.03 -20.10 -31.94
C TYR B 187 10.24 -20.01 -33.23
N THR B 188 10.23 -18.84 -33.84
CA THR B 188 9.65 -18.65 -35.15
C THR B 188 10.71 -18.18 -36.12
N SER B 189 10.51 -18.53 -37.39
CA SER B 189 11.35 -17.95 -38.43
C SER B 189 11.08 -16.47 -38.59
N THR B 190 9.85 -16.05 -38.27
CA THR B 190 9.46 -14.66 -38.35
C THR B 190 10.27 -13.80 -37.39
N MET B 191 10.59 -14.33 -36.22
CA MET B 191 11.46 -13.59 -35.33
C MET B 191 12.87 -13.55 -35.88
N MET B 192 13.29 -14.58 -36.63
CA MET B 192 14.63 -14.57 -37.18
C MET B 192 14.76 -13.55 -38.29
N GLU B 193 13.69 -13.40 -39.08
CA GLU B 193 13.66 -12.36 -40.09
C GLU B 193 13.57 -10.99 -39.44
N THR B 194 12.85 -10.92 -38.31
CA THR B 194 12.73 -9.68 -37.56
C THR B 194 14.07 -9.30 -36.95
N MET B 195 14.88 -10.29 -36.64
CA MET B 195 16.08 -10.11 -35.86
C MET B 195 17.28 -9.84 -36.73
N GLU B 196 17.38 -10.54 -37.87
CA GLU B 196 18.60 -10.58 -38.67
C GLU B 196 18.97 -9.21 -39.24
N ARG B 197 18.01 -8.32 -39.40
CA ARG B 197 18.31 -6.95 -39.77
C ARG B 197 19.09 -6.26 -38.66
N LEU B 198 18.60 -6.35 -37.44
CA LEU B 198 19.31 -5.77 -36.32
C LEU B 198 20.37 -6.68 -35.77
N GLN B 199 20.68 -7.78 -36.48
CA GLN B 199 21.88 -8.54 -36.20
C GLN B 199 23.01 -8.12 -37.12
N ARG B 200 22.70 -8.03 -38.41
CA ARG B 200 23.69 -7.51 -39.35
C ARG B 200 23.98 -6.04 -39.09
N ARG B 201 22.98 -5.31 -38.60
CA ARG B 201 23.21 -3.95 -38.14
C ARG B 201 23.73 -3.93 -36.71
N HIS B 202 22.89 -4.37 -35.77
CA HIS B 202 23.08 -4.02 -34.37
C HIS B 202 23.37 -5.20 -33.46
N GLY B 203 23.29 -6.42 -33.96
CA GLY B 203 23.95 -7.53 -33.28
C GLY B 203 23.26 -8.04 -32.04
N GLY B 204 24.04 -8.71 -31.21
CA GLY B 204 23.50 -9.35 -30.04
C GLY B 204 22.94 -10.70 -30.37
N GLY B 205 22.14 -11.22 -29.45
CA GLY B 205 21.47 -12.48 -29.70
C GLY B 205 20.78 -12.96 -28.46
N LEU B 206 20.61 -14.26 -28.37
CA LEU B 206 19.76 -14.86 -27.35
C LEU B 206 20.58 -15.58 -26.30
N VAL B 207 20.18 -15.42 -25.05
CA VAL B 207 20.66 -16.21 -23.93
C VAL B 207 19.46 -16.58 -23.09
N ARG B 208 19.26 -17.87 -22.83
CA ARG B 208 18.25 -18.30 -21.87
C ARG B 208 18.70 -17.92 -20.47
N VAL B 209 17.84 -17.21 -19.74
CA VAL B 209 18.11 -16.89 -18.35
C VAL B 209 18.06 -18.15 -17.51
N PRO B 210 19.12 -18.46 -16.77
CA PRO B 210 19.18 -19.73 -16.05
C PRO B 210 18.20 -19.80 -14.90
N LEU B 211 17.74 -18.66 -14.40
CA LEU B 211 16.89 -18.60 -13.23
C LEU B 211 15.46 -18.22 -13.57
N SER B 212 15.06 -18.39 -14.81
CA SER B 212 13.66 -18.24 -15.15
C SER B 212 12.84 -19.39 -14.56
N ARG B 213 11.53 -19.28 -14.63
CA ARG B 213 10.68 -20.35 -14.15
C ARG B 213 10.65 -21.50 -15.16
N ASN B 214 9.95 -22.59 -14.78
CA ASN B 214 9.80 -23.72 -15.68
C ASN B 214 8.93 -23.38 -16.87
N SER B 215 7.65 -23.14 -16.63
CA SER B 215 6.65 -23.34 -17.66
C SER B 215 6.49 -22.13 -18.57
N THR B 216 7.57 -21.39 -18.81
CA THR B 216 7.55 -20.33 -19.79
C THR B 216 8.90 -20.28 -20.49
N HIS B 217 8.90 -19.95 -21.77
CA HIS B 217 10.07 -20.03 -22.64
C HIS B 217 10.66 -18.66 -22.90
N GLU B 218 10.72 -17.81 -21.89
CA GLU B 218 11.22 -16.48 -22.07
C GLU B 218 12.72 -16.48 -22.32
N MET B 219 13.14 -15.77 -23.35
CA MET B 219 14.55 -15.61 -23.64
C MET B 219 14.81 -14.15 -23.98
N TYR B 220 16.01 -13.68 -23.66
CA TYR B 220 16.31 -12.25 -23.69
C TYR B 220 17.22 -11.94 -24.87
N TRP B 221 16.70 -11.16 -25.82
CA TRP B 221 17.61 -10.66 -26.85
C TRP B 221 18.43 -9.56 -26.21
N VAL B 222 19.56 -9.98 -25.68
CA VAL B 222 20.56 -9.11 -25.12
C VAL B 222 21.42 -8.60 -26.26
N SER B 223 22.26 -7.63 -25.98
CA SER B 223 23.20 -7.13 -26.95
C SER B 223 24.53 -7.84 -26.91
N GLY B 224 24.56 -9.05 -26.37
CA GLY B 224 25.82 -9.73 -26.22
C GLY B 224 26.01 -11.00 -27.01
N ALA B 225 24.94 -11.78 -27.19
CA ALA B 225 25.09 -13.16 -27.65
C ALA B 225 25.34 -13.17 -29.15
N LYS B 226 26.60 -12.97 -29.53
CA LYS B 226 27.01 -12.73 -30.90
C LYS B 226 26.98 -13.97 -31.80
N SER B 227 26.25 -15.02 -31.44
CA SER B 227 26.27 -16.27 -32.18
C SER B 227 25.55 -16.13 -33.52
N ASN B 228 25.77 -17.13 -34.38
CA ASN B 228 24.77 -17.46 -35.37
C ASN B 228 23.54 -17.90 -34.60
N ILE B 229 22.42 -17.23 -34.89
CA ILE B 229 21.33 -17.24 -33.94
C ILE B 229 20.64 -18.59 -33.91
N ILE B 230 20.54 -19.26 -35.05
CA ILE B 230 19.91 -20.56 -35.08
C ILE B 230 20.76 -21.62 -34.37
N LYS B 231 22.05 -21.38 -34.20
CA LYS B 231 22.83 -22.27 -33.35
C LYS B 231 22.44 -22.10 -31.90
N SER B 232 22.21 -20.85 -31.48
CA SER B 232 21.88 -20.55 -30.10
C SER B 232 20.44 -20.94 -29.77
N VAL B 233 19.51 -20.51 -30.62
CA VAL B 233 18.11 -20.90 -30.49
C VAL B 233 17.97 -22.39 -30.62
N SER B 234 18.75 -22.99 -31.49
CA SER B 234 18.71 -24.45 -31.64
C SER B 234 19.28 -25.13 -30.41
N THR B 235 20.26 -24.52 -29.77
CA THR B 235 20.92 -25.16 -28.65
C THR B 235 20.06 -25.10 -27.40
N THR B 236 19.61 -23.89 -27.04
CA THR B 236 18.70 -23.75 -25.91
C THR B 236 17.36 -24.37 -26.21
N SER B 237 16.98 -24.44 -27.49
CA SER B 237 15.81 -25.18 -27.93
C SER B 237 16.04 -26.66 -27.94
N GLN B 238 17.28 -27.12 -27.77
CA GLN B 238 17.48 -28.50 -27.36
C GLN B 238 17.36 -28.61 -25.84
N LEU B 239 17.78 -27.57 -25.14
CA LEU B 239 17.63 -27.57 -23.70
C LEU B 239 16.18 -27.34 -23.25
N LEU B 240 15.29 -27.11 -24.20
CA LEU B 240 13.88 -26.94 -23.92
C LEU B 240 13.30 -28.32 -23.61
N LEU B 241 13.57 -29.28 -24.50
CA LEU B 241 13.10 -30.64 -24.33
C LEU B 241 14.01 -31.45 -23.44
N GLY B 242 15.28 -31.04 -23.31
CA GLY B 242 16.10 -31.58 -22.25
C GLY B 242 15.62 -31.18 -20.86
N ARG B 243 14.90 -30.07 -20.77
CA ARG B 243 14.30 -29.64 -19.52
C ARG B 243 12.78 -29.66 -19.67
N MET B 244 12.23 -30.75 -20.20
CA MET B 244 10.79 -30.84 -20.38
C MET B 244 10.10 -31.74 -19.36
N ASP B 245 10.50 -33.01 -19.26
CA ASP B 245 9.89 -33.93 -18.31
C ASP B 245 10.90 -34.97 -17.87
N GLY B 246 10.40 -36.00 -17.18
CA GLY B 246 11.23 -36.97 -16.49
C GLY B 246 10.75 -37.13 -15.05
N PRO B 247 11.68 -37.15 -14.10
CA PRO B 247 11.30 -37.15 -12.68
C PRO B 247 11.26 -35.74 -12.11
N ARG B 248 10.66 -35.63 -10.92
CA ARG B 248 10.57 -34.34 -10.22
C ARG B 248 11.93 -34.01 -9.62
N ARG B 249 12.79 -33.47 -10.47
CA ARG B 249 14.11 -33.04 -10.04
C ARG B 249 13.98 -31.80 -9.16
N PRO B 250 14.50 -31.81 -7.94
CA PRO B 250 14.10 -30.82 -6.95
C PRO B 250 14.80 -29.47 -7.14
N VAL B 251 14.53 -28.56 -6.21
CA VAL B 251 14.81 -27.13 -6.38
C VAL B 251 16.26 -26.84 -6.00
N LYS B 252 16.91 -25.99 -6.77
CA LYS B 252 18.20 -25.41 -6.40
C LYS B 252 17.99 -23.99 -5.89
N TYR B 253 18.59 -23.68 -4.74
CA TYR B 253 18.55 -22.33 -4.18
C TYR B 253 19.88 -21.62 -4.34
N GLU B 254 19.84 -20.30 -4.15
CA GLU B 254 21.02 -19.49 -4.33
C GLU B 254 20.86 -18.18 -3.57
N GLU B 255 21.99 -17.65 -3.10
CA GLU B 255 22.04 -16.46 -2.28
C GLU B 255 21.64 -15.23 -3.07
N ASP B 256 21.03 -14.28 -2.38
CA ASP B 256 20.39 -13.15 -3.06
C ASP B 256 21.38 -11.99 -3.21
N VAL B 257 21.08 -11.10 -4.15
CA VAL B 257 21.92 -9.93 -4.40
C VAL B 257 21.79 -8.93 -3.25
N ASN B 258 22.87 -8.20 -3.00
CA ASN B 258 22.88 -7.12 -2.03
C ASN B 258 23.99 -6.15 -2.41
N LEU B 259 23.72 -4.86 -2.26
CA LEU B 259 24.81 -3.90 -2.40
C LEU B 259 24.96 -2.98 -1.21
N GLY B 260 23.86 -2.57 -0.61
CA GLY B 260 23.87 -1.59 0.47
C GLY B 260 23.09 -0.36 0.07
N SER B 261 23.18 0.66 0.91
CA SER B 261 22.44 1.89 0.70
C SER B 261 23.41 3.06 0.58
N GLY B 262 22.85 4.27 0.64
CA GLY B 262 23.62 5.47 0.47
C GLY B 262 22.95 6.35 -0.57
N THR B 263 23.76 7.11 -1.30
CA THR B 263 23.29 7.81 -2.50
C THR B 263 24.49 8.18 -3.33
N ARG B 264 24.44 7.84 -4.63
CA ARG B 264 25.59 8.06 -5.51
C ARG B 264 25.82 9.54 -5.75
N ALA B 265 27.09 9.94 -5.70
CA ALA B 265 27.50 11.30 -6.01
C ALA B 265 27.17 11.66 -7.45
N VAL B 266 26.57 12.84 -7.64
CA VAL B 266 26.26 13.35 -8.97
C VAL B 266 26.94 14.69 -9.21
N ALA B 267 26.77 15.23 -10.41
CA ALA B 267 27.23 16.58 -10.70
C ALA B 267 26.34 17.58 -9.99
N SER B 268 26.84 18.80 -9.84
CA SER B 268 26.14 19.82 -9.09
C SER B 268 26.13 21.14 -9.85
N CYS B 269 24.96 21.77 -9.88
CA CYS B 269 24.78 23.10 -10.48
C CYS B 269 24.84 24.17 -9.43
N ALA B 270 25.73 24.00 -8.46
CA ALA B 270 25.80 24.86 -7.29
C ALA B 270 26.34 26.25 -7.66
N GLU B 271 25.96 27.23 -6.84
CA GLU B 271 26.44 28.60 -6.94
C GLU B 271 27.40 28.88 -5.80
N ALA B 272 28.49 29.56 -6.12
CA ALA B 272 29.45 29.98 -5.10
C ALA B 272 28.79 30.96 -4.13
N PRO B 273 28.70 30.66 -2.86
CA PRO B 273 28.06 31.57 -1.90
C PRO B 273 29.04 32.65 -1.48
N ASN B 274 28.59 33.50 -0.56
CA ASN B 274 29.48 34.46 0.09
C ASN B 274 29.84 33.92 1.48
N MET B 275 31.06 33.41 1.60
CA MET B 275 31.51 32.73 2.82
C MET B 275 31.62 33.66 4.02
N LYS B 276 31.60 34.97 3.80
CA LYS B 276 31.73 35.92 4.89
C LYS B 276 30.40 36.28 5.51
N ILE B 277 29.38 35.44 5.36
CA ILE B 277 28.15 35.63 6.13
C ILE B 277 27.71 34.27 6.66
N ILE B 278 28.44 33.22 6.29
CA ILE B 278 28.19 31.89 6.80
C ILE B 278 29.27 31.44 7.77
N GLY B 279 30.54 31.70 7.43
CA GLY B 279 31.63 30.81 7.77
C GLY B 279 31.87 30.58 9.25
N ARG B 280 31.49 31.52 10.10
CA ARG B 280 31.73 31.34 11.52
C ARG B 280 30.74 30.37 12.16
N ARG B 281 29.56 30.18 11.56
CA ARG B 281 28.71 29.09 12.01
C ARG B 281 29.30 27.75 11.64
N ILE B 282 29.97 27.68 10.50
CA ILE B 282 30.73 26.50 10.13
C ILE B 282 31.89 26.30 11.09
N GLU B 283 32.46 27.39 11.58
CA GLU B 283 33.48 27.25 12.60
C GLU B 283 32.87 26.86 13.93
N ARG B 284 31.59 27.15 14.13
CA ARG B 284 30.96 26.77 15.38
C ARG B 284 30.68 25.28 15.40
N ILE B 285 30.01 24.76 14.37
CA ILE B 285 29.69 23.33 14.38
C ILE B 285 30.92 22.51 14.06
N ARG B 286 31.72 22.98 13.10
CA ARG B 286 32.90 22.25 12.68
C ARG B 286 33.98 22.29 13.74
N ASN B 287 34.22 23.47 14.33
CA ASN B 287 35.12 23.51 15.48
C ASN B 287 34.50 22.92 16.73
N GLU B 288 33.20 22.64 16.71
CA GLU B 288 32.60 21.87 17.78
C GLU B 288 32.73 20.37 17.58
N HIS B 289 32.68 19.90 16.33
CA HIS B 289 32.67 18.45 16.10
C HIS B 289 33.80 18.01 15.18
N ALA B 290 35.03 18.47 15.46
CA ALA B 290 36.12 18.34 14.49
C ALA B 290 36.56 16.90 14.31
N GLU B 291 36.48 16.07 15.35
CA GLU B 291 36.89 14.67 15.20
C GLU B 291 35.88 13.89 14.38
N THR B 292 34.60 14.18 14.57
CA THR B 292 33.56 13.50 13.82
C THR B 292 33.41 14.11 12.44
N TRP B 293 34.03 15.26 12.21
CA TRP B 293 33.91 16.00 10.97
C TRP B 293 34.59 15.30 9.82
N PHE B 294 33.99 15.39 8.64
CA PHE B 294 34.56 14.84 7.41
C PHE B 294 33.87 15.50 6.23
N LEU B 295 34.25 15.07 5.03
CA LEU B 295 33.63 15.53 3.79
C LEU B 295 33.17 14.31 3.00
N ASP B 296 31.87 14.05 3.01
CA ASP B 296 31.29 13.03 2.15
C ASP B 296 31.42 13.48 0.70
N GLU B 297 32.11 12.69 -0.09
CA GLU B 297 32.11 12.96 -1.51
C GLU B 297 30.81 12.56 -2.17
N ASN B 298 29.96 11.79 -1.49
CA ASN B 298 28.71 11.30 -2.04
C ASN B 298 27.53 12.16 -1.61
N HIS B 299 27.72 13.45 -1.62
CA HIS B 299 26.63 14.34 -1.27
C HIS B 299 25.58 14.33 -2.38
N PRO B 300 24.34 14.14 -2.08
CA PRO B 300 23.27 14.18 -3.08
C PRO B 300 22.76 15.59 -3.34
N TYR B 301 23.67 16.53 -3.61
CA TYR B 301 23.37 17.95 -3.54
C TYR B 301 23.73 18.61 -4.85
N ARG B 302 22.72 19.00 -5.61
CA ARG B 302 22.93 19.49 -6.97
C ARG B 302 22.63 20.97 -7.13
N THR B 303 21.61 21.50 -6.45
CA THR B 303 21.36 22.92 -6.50
C THR B 303 21.79 23.64 -5.22
N TRP B 304 21.96 22.90 -4.13
CA TRP B 304 22.35 23.42 -2.83
C TRP B 304 23.87 23.51 -2.73
N ALA B 305 24.39 23.69 -1.53
CA ALA B 305 25.83 23.88 -1.33
C ALA B 305 26.31 23.04 -0.15
N TYR B 306 26.94 21.92 -0.47
CA TYR B 306 27.47 21.00 0.53
C TYR B 306 28.81 21.51 1.06
N HIS B 307 29.00 21.41 2.38
CA HIS B 307 30.26 21.85 2.98
C HIS B 307 30.73 20.92 4.09
N GLY B 308 30.67 19.61 3.89
CA GLY B 308 31.18 18.68 4.87
C GLY B 308 30.07 18.02 5.68
N SER B 309 30.47 17.07 6.54
CA SER B 309 29.52 16.33 7.37
C SER B 309 30.21 15.74 8.59
N TYR B 310 29.41 15.02 9.38
CA TYR B 310 29.77 14.40 10.66
C TYR B 310 28.58 13.55 11.10
N GLU B 311 28.82 12.67 12.05
CA GLU B 311 27.84 11.68 12.44
C GLU B 311 26.75 12.29 13.30
N ALA B 312 25.74 11.48 13.64
CA ALA B 312 24.52 12.01 14.24
C ALA B 312 23.79 10.90 14.96
N PRO B 313 22.99 11.23 15.97
CA PRO B 313 22.24 10.19 16.70
C PRO B 313 20.97 9.82 15.98
N THR B 314 20.34 8.76 16.49
CA THR B 314 19.01 8.41 16.04
C THR B 314 17.99 9.37 16.66
N GLN B 315 17.27 10.07 15.79
CA GLN B 315 16.22 10.97 16.19
C GLN B 315 15.07 10.84 15.18
N GLY B 316 13.90 11.33 15.56
CA GLY B 316 12.75 11.28 14.69
C GLY B 316 12.08 9.91 14.68
N SER B 317 10.80 9.92 14.32
CA SER B 317 10.01 8.69 14.27
C SER B 317 8.85 8.86 13.29
N ALA B 318 8.62 7.85 12.47
CA ALA B 318 7.40 7.75 11.68
C ALA B 318 6.31 6.97 12.39
N SER B 319 6.46 6.74 13.69
CA SER B 319 5.50 5.98 14.50
C SER B 319 4.64 6.99 15.28
N SER B 320 3.73 7.65 14.56
CA SER B 320 2.71 8.48 15.17
C SER B 320 1.41 7.71 15.17
N LEU B 321 0.96 7.30 16.35
CA LEU B 321 -0.08 6.29 16.44
C LEU B 321 -1.46 6.89 16.22
N VAL B 322 -2.46 6.10 16.58
CA VAL B 322 -3.85 6.37 16.28
C VAL B 322 -4.57 6.73 17.57
N ASN B 323 -5.46 7.72 17.50
CA ASN B 323 -6.43 7.90 18.56
C ASN B 323 -7.34 6.68 18.60
N GLY B 324 -7.33 5.99 19.73
CA GLY B 324 -8.19 4.85 19.86
C GLY B 324 -9.62 5.20 20.13
N VAL B 325 -9.90 6.45 20.51
CA VAL B 325 -11.24 6.78 20.99
C VAL B 325 -12.22 6.85 19.82
N VAL B 326 -11.99 7.77 18.89
CA VAL B 326 -12.83 7.89 17.72
C VAL B 326 -12.73 6.67 16.83
N ARG B 327 -11.61 5.95 16.92
CA ARG B 327 -11.54 4.60 16.39
C ARG B 327 -12.61 3.71 17.00
N LEU B 328 -12.78 3.78 18.31
CA LEU B 328 -13.77 2.98 18.98
C LEU B 328 -15.13 3.63 19.02
N LEU B 329 -15.32 4.73 18.30
CA LEU B 329 -16.63 5.33 18.13
C LEU B 329 -17.20 5.20 16.73
N SER B 330 -16.36 4.96 15.73
CA SER B 330 -16.75 5.05 14.33
C SER B 330 -16.58 3.69 13.70
N LYS B 331 -17.69 3.07 13.33
CA LYS B 331 -17.51 1.77 12.68
C LYS B 331 -17.09 1.86 11.22
N PRO B 332 -17.81 2.53 10.30
CA PRO B 332 -17.46 2.40 8.89
C PRO B 332 -16.27 3.24 8.48
N TRP B 333 -15.71 4.04 9.38
CA TRP B 333 -14.49 4.77 9.06
C TRP B 333 -13.28 4.02 9.56
N ASP B 334 -13.36 2.71 9.43
CA ASP B 334 -12.19 1.87 9.35
C ASP B 334 -12.05 1.24 7.98
N VAL B 335 -13.17 1.01 7.29
CA VAL B 335 -13.11 0.24 6.08
C VAL B 335 -12.63 1.08 4.90
N VAL B 336 -12.89 2.39 4.90
CA VAL B 336 -12.49 3.23 3.79
C VAL B 336 -10.99 3.50 3.90
N THR B 337 -10.34 3.64 2.76
CA THR B 337 -8.90 3.85 2.72
C THR B 337 -8.52 5.32 2.79
N GLY B 338 -9.48 6.22 2.88
CA GLY B 338 -9.12 7.60 3.07
C GLY B 338 -8.75 7.90 4.50
N VAL B 339 -9.47 7.30 5.45
CA VAL B 339 -9.16 7.51 6.86
C VAL B 339 -7.81 6.89 7.20
N THR B 340 -7.43 5.82 6.52
CA THR B 340 -6.08 5.29 6.66
C THR B 340 -5.12 6.02 5.76
N GLY B 341 -5.66 6.80 4.82
CA GLY B 341 -4.82 7.49 3.88
C GLY B 341 -4.05 8.63 4.48
N ILE B 342 -4.55 9.19 5.57
CA ILE B 342 -3.89 10.34 6.15
C ILE B 342 -3.41 10.00 7.55
N ALA B 343 -3.05 8.73 7.75
CA ALA B 343 -2.69 8.23 9.08
C ALA B 343 -1.33 8.75 9.52
N MET B 344 -0.26 8.35 8.82
CA MET B 344 1.09 8.54 9.34
C MET B 344 1.96 9.27 8.34
N THR B 345 2.50 10.41 8.77
CA THR B 345 3.55 11.13 8.08
C THR B 345 4.90 10.65 8.62
N ASP B 346 5.97 11.39 8.34
CA ASP B 346 7.29 10.93 8.76
C ASP B 346 8.20 12.10 9.11
N THR B 347 9.15 11.83 10.01
CA THR B 347 10.28 12.73 10.29
C THR B 347 11.60 11.99 10.17
N THR B 348 11.56 10.70 9.80
CA THR B 348 12.72 9.85 9.67
C THR B 348 13.68 10.38 8.58
N PRO B 349 14.97 10.05 8.65
CA PRO B 349 15.92 10.58 7.66
C PRO B 349 15.67 10.09 6.26
N TYR B 350 15.10 8.91 6.11
CA TYR B 350 14.57 8.49 4.81
C TYR B 350 13.55 9.49 4.29
N GLY B 351 12.59 9.86 5.15
CA GLY B 351 11.54 10.76 4.71
C GLY B 351 12.06 12.15 4.38
N GLN B 352 12.98 12.66 5.19
CA GLN B 352 13.56 13.98 4.95
C GLN B 352 14.35 14.00 3.66
N GLN B 353 15.13 12.94 3.43
CA GLN B 353 15.94 12.89 2.23
C GLN B 353 15.08 12.72 0.98
N ARG B 354 13.93 12.05 1.11
CA ARG B 354 13.12 11.79 -0.09
C ARG B 354 12.24 12.96 -0.49
N VAL B 355 11.58 13.60 0.48
CA VAL B 355 10.91 14.88 0.21
C VAL B 355 11.90 15.91 -0.30
N PHE B 356 13.11 15.91 0.26
CA PHE B 356 14.18 16.79 -0.19
C PHE B 356 14.48 16.61 -1.66
N LYS B 357 14.77 15.36 -2.06
CA LYS B 357 15.11 15.06 -3.45
C LYS B 357 13.97 15.40 -4.38
N GLU B 358 12.74 15.08 -3.97
CA GLU B 358 11.60 15.21 -4.86
C GLU B 358 11.31 16.67 -5.17
N LYS B 359 11.08 17.50 -4.15
CA LYS B 359 10.71 18.89 -4.45
C LYS B 359 11.40 19.89 -3.54
N VAL B 360 12.71 19.80 -3.37
CA VAL B 360 13.49 20.90 -2.81
C VAL B 360 14.64 21.29 -3.73
N ASP B 361 15.43 20.32 -4.17
CA ASP B 361 16.64 20.62 -4.94
C ASP B 361 16.26 20.98 -6.36
N THR B 362 15.80 22.21 -6.55
CA THR B 362 15.22 22.63 -7.83
C THR B 362 15.80 23.98 -8.24
N ARG B 363 16.75 23.95 -9.18
CA ARG B 363 17.33 25.18 -9.70
C ARG B 363 16.29 25.93 -10.52
N VAL B 364 16.27 27.25 -10.37
CA VAL B 364 15.34 28.06 -11.15
C VAL B 364 16.11 28.97 -12.10
N PRO B 365 15.58 29.22 -13.29
CA PRO B 365 16.23 30.17 -14.20
C PRO B 365 15.86 31.58 -13.84
N ASP B 366 16.86 32.46 -13.89
CA ASP B 366 16.68 33.85 -13.49
C ASP B 366 15.87 34.61 -14.54
N PRO B 367 14.74 35.22 -14.20
CA PRO B 367 13.96 35.97 -15.19
C PRO B 367 14.61 37.28 -15.58
N GLN B 368 14.04 37.90 -16.61
CA GLN B 368 14.66 39.04 -17.28
C GLN B 368 14.53 40.31 -16.44
N GLU B 369 15.37 41.28 -16.79
CA GLU B 369 15.50 42.50 -16.04
C GLU B 369 14.31 43.44 -16.22
N GLY B 370 13.61 43.35 -17.35
CA GLY B 370 12.41 44.15 -17.52
C GLY B 370 11.34 43.74 -16.55
N THR B 371 11.19 42.44 -16.34
CA THR B 371 10.34 41.92 -15.30
C THR B 371 10.81 42.37 -13.93
N ARG B 372 12.12 42.53 -13.74
CA ARG B 372 12.62 43.01 -12.47
C ARG B 372 12.23 44.45 -12.21
N GLN B 373 12.21 45.29 -13.26
CA GLN B 373 11.71 46.64 -13.04
C GLN B 373 10.22 46.65 -12.79
N VAL B 374 9.49 45.71 -13.38
CA VAL B 374 8.08 45.55 -13.03
C VAL B 374 7.93 45.25 -11.54
N MET B 375 8.79 44.35 -11.04
CA MET B 375 8.80 44.01 -9.63
C MET B 375 9.10 45.22 -8.76
N ASN B 376 10.08 46.03 -9.16
CA ASN B 376 10.46 47.13 -8.31
C ASN B 376 9.41 48.23 -8.35
N ILE B 377 8.71 48.38 -9.48
CA ILE B 377 7.69 49.41 -9.58
C ILE B 377 6.47 49.06 -8.74
N VAL B 378 5.90 47.88 -8.96
CA VAL B 378 4.69 47.57 -8.18
C VAL B 378 5.04 47.20 -6.75
N SER B 379 6.27 46.80 -6.52
CA SER B 379 6.73 46.53 -5.16
C SER B 379 6.84 47.81 -4.37
N SER B 380 7.73 48.71 -4.81
CA SER B 380 7.96 49.96 -4.09
C SER B 380 6.73 50.84 -4.09
N TRP B 381 5.94 50.77 -5.17
CA TRP B 381 4.63 51.39 -5.17
C TRP B 381 3.74 50.77 -4.11
N LEU B 382 3.85 49.46 -3.93
CA LEU B 382 2.93 48.82 -3.01
C LEU B 382 3.32 49.13 -1.57
N TRP B 383 4.62 49.16 -1.27
CA TRP B 383 5.09 49.55 0.05
C TRP B 383 4.70 50.97 0.36
N LYS B 384 5.01 51.90 -0.55
CA LYS B 384 4.65 53.30 -0.36
C LYS B 384 3.15 53.50 -0.42
N GLU B 385 2.41 52.55 -1.01
CA GLU B 385 0.96 52.60 -0.93
C GLU B 385 0.51 52.32 0.49
N LEU B 386 1.03 51.26 1.09
CA LEU B 386 0.71 51.10 2.50
C LEU B 386 1.61 51.91 3.40
N GLY B 387 2.71 52.47 2.88
CA GLY B 387 3.47 53.42 3.66
C GLY B 387 2.77 54.74 3.84
N LYS B 388 1.88 55.09 2.92
CA LYS B 388 1.06 56.29 3.11
C LYS B 388 0.11 56.15 4.27
N ARG B 389 -0.41 54.94 4.50
CA ARG B 389 -1.36 54.78 5.59
C ARG B 389 -0.66 54.81 6.94
N LYS B 390 0.31 53.93 7.15
CA LYS B 390 1.00 53.86 8.43
C LYS B 390 2.49 53.67 8.18
N ARG B 391 3.24 53.66 9.27
CA ARG B 391 4.69 53.56 9.32
C ARG B 391 5.10 52.34 10.11
N PRO B 392 6.32 51.83 9.91
CA PRO B 392 6.78 50.70 10.73
C PRO B 392 6.93 51.06 12.20
N ARG B 393 6.87 50.03 13.03
CA ARG B 393 7.03 50.18 14.46
C ARG B 393 7.97 49.08 14.94
N VAL B 394 8.00 48.86 16.25
CA VAL B 394 8.70 47.73 16.83
C VAL B 394 7.65 46.89 17.54
N CYS B 395 8.08 45.79 18.14
CA CYS B 395 7.24 45.07 19.07
C CYS B 395 8.14 44.55 20.17
N THR B 396 7.54 44.02 21.24
CA THR B 396 8.31 43.75 22.44
C THR B 396 8.20 42.30 22.91
N LYS B 397 9.01 42.00 23.92
CA LYS B 397 9.18 40.64 24.39
C LYS B 397 7.95 40.15 25.13
N GLU B 398 7.36 41.00 25.98
CA GLU B 398 6.21 40.59 26.79
C GLU B 398 5.00 40.26 25.93
N GLU B 399 4.89 40.93 24.78
CA GLU B 399 3.98 40.49 23.73
C GLU B 399 4.29 39.09 23.25
N PHE B 400 5.56 38.68 23.30
CA PHE B 400 5.93 37.39 22.77
C PHE B 400 5.80 36.28 23.81
N ILE B 401 6.05 36.58 25.08
CA ILE B 401 5.72 35.65 26.14
C ILE B 401 4.23 35.42 26.15
N ASN B 402 3.46 36.50 26.29
CA ASN B 402 2.01 36.36 26.36
C ASN B 402 1.43 35.88 25.05
N LYS B 403 2.14 36.11 23.94
CA LYS B 403 1.70 35.57 22.66
C LYS B 403 1.90 34.08 22.60
N VAL B 404 3.04 33.58 23.09
CA VAL B 404 3.24 32.14 23.07
C VAL B 404 2.48 31.45 24.20
N ARG B 405 1.89 32.23 25.11
CA ARG B 405 1.08 31.65 26.17
C ARG B 405 -0.19 31.01 25.64
N SER B 406 -0.79 31.55 24.58
CA SER B 406 -2.08 31.03 24.16
C SER B 406 -1.93 29.76 23.33
N ASN B 407 -1.39 29.89 22.12
CA ASN B 407 -1.31 28.73 21.24
C ASN B 407 -0.07 28.63 20.37
N ALA B 408 0.72 29.71 20.20
CA ALA B 408 1.27 30.15 18.93
C ALA B 408 1.85 29.07 18.01
N ALA B 409 2.87 28.39 18.44
CA ALA B 409 3.48 27.38 17.56
C ALA B 409 3.71 26.05 18.26
N LEU B 410 4.11 26.08 19.54
CA LEU B 410 4.43 24.90 20.37
C LEU B 410 5.57 24.08 19.79
N GLY B 411 6.43 24.70 18.98
CA GLY B 411 7.51 23.98 18.33
C GLY B 411 8.73 23.88 19.22
N ALA B 412 8.89 22.74 19.88
CA ALA B 412 9.86 22.58 20.95
C ALA B 412 11.01 21.69 20.47
N ILE B 413 11.96 22.30 19.76
CA ILE B 413 13.25 21.70 19.38
C ILE B 413 14.30 22.80 19.49
N PHE B 414 15.41 22.52 20.15
CA PHE B 414 16.46 23.51 20.35
C PHE B 414 17.73 23.05 19.66
N GLU B 415 18.76 23.91 19.69
CA GLU B 415 20.06 23.52 19.16
C GLU B 415 21.16 23.73 20.18
N GLU B 416 21.06 24.81 20.95
CA GLU B 416 22.00 25.06 22.03
C GLU B 416 21.77 24.06 23.17
N GLU B 417 22.57 24.21 24.22
CA GLU B 417 22.79 23.12 25.15
C GLU B 417 21.68 22.95 26.19
N LYS B 418 20.71 23.87 26.28
CA LYS B 418 19.63 23.71 27.26
C LYS B 418 18.40 23.10 26.61
N GLU B 419 18.59 21.85 26.18
CA GLU B 419 17.56 21.10 25.46
C GLU B 419 16.52 20.61 26.45
N TRP B 420 15.31 21.16 26.38
CA TRP B 420 14.28 20.98 27.40
C TRP B 420 13.06 20.30 26.77
N LYS B 421 11.96 20.24 27.54
CA LYS B 421 10.76 19.58 27.05
C LYS B 421 9.96 20.46 26.10
N THR B 422 9.44 21.57 26.60
CA THR B 422 8.51 22.39 25.84
C THR B 422 8.83 23.86 26.01
N ALA B 423 8.38 24.66 25.03
CA ALA B 423 8.68 26.08 25.01
C ALA B 423 7.94 26.82 26.12
N VAL B 424 6.77 26.32 26.51
CA VAL B 424 5.91 27.05 27.41
C VAL B 424 6.46 27.09 28.82
N GLU B 425 7.36 26.16 29.18
CA GLU B 425 8.20 26.35 30.34
C GLU B 425 9.53 26.99 29.99
N ALA B 426 9.98 26.81 28.74
CA ALA B 426 11.28 27.31 28.35
C ALA B 426 11.32 28.82 28.30
N VAL B 427 10.16 29.46 28.29
CA VAL B 427 10.08 30.89 28.40
C VAL B 427 10.44 31.37 29.81
N ASN B 428 10.39 30.48 30.81
CA ASN B 428 10.53 30.86 32.20
C ASN B 428 11.97 30.78 32.70
N ASP B 429 12.93 30.97 31.83
CA ASP B 429 14.35 31.06 32.04
C ASP B 429 14.83 32.48 31.85
N PRO B 430 15.85 32.92 32.54
CA PRO B 430 16.43 34.23 32.21
C PRO B 430 17.51 34.16 31.15
N ARG B 431 18.20 33.02 31.06
CA ARG B 431 19.45 32.95 30.32
C ARG B 431 19.24 33.02 28.82
N PHE B 432 18.08 32.57 28.35
CA PHE B 432 17.88 32.66 26.93
C PHE B 432 17.64 34.09 26.50
N TRP B 433 17.17 34.95 27.40
CA TRP B 433 17.13 36.37 27.11
C TRP B 433 18.54 36.92 26.97
N ALA B 434 19.46 36.41 27.79
CA ALA B 434 20.83 36.89 27.76
C ALA B 434 21.50 36.53 26.44
N LEU B 435 21.42 35.26 26.05
CA LEU B 435 22.06 34.86 24.79
C LEU B 435 21.34 35.41 23.57
N VAL B 436 20.01 35.62 23.67
CA VAL B 436 19.29 36.32 22.62
C VAL B 436 19.86 37.71 22.45
N ASP B 437 20.10 38.41 23.56
CA ASP B 437 20.74 39.72 23.49
C ASP B 437 22.20 39.64 23.05
N ARG B 438 22.85 38.48 23.21
CA ARG B 438 24.18 38.32 22.65
C ARG B 438 24.14 38.23 21.14
N GLU B 439 23.15 37.52 20.61
CA GLU B 439 22.97 37.51 19.15
C GLU B 439 22.46 38.86 18.67
N ARG B 440 21.80 39.63 19.54
CA ARG B 440 21.50 41.01 19.20
C ARG B 440 22.74 41.86 19.19
N GLU B 441 23.72 41.53 20.04
CA GLU B 441 25.00 42.20 19.93
C GLU B 441 25.72 41.82 18.66
N HIS B 442 25.58 40.57 18.22
CA HIS B 442 26.23 40.12 17.01
C HIS B 442 25.61 40.77 15.79
N HIS B 443 24.31 40.53 15.59
CA HIS B 443 23.60 41.04 14.44
C HIS B 443 23.53 42.56 14.45
N LEU B 444 23.48 43.15 15.64
CA LEU B 444 23.52 44.60 15.73
C LEU B 444 24.93 45.14 15.49
N ARG B 445 25.93 44.29 15.55
CA ARG B 445 27.24 44.75 15.09
C ARG B 445 27.59 44.21 13.72
N GLY B 446 27.08 43.03 13.37
CA GLY B 446 27.32 42.53 12.04
C GLY B 446 27.60 41.05 11.93
N GLU B 447 28.10 40.45 13.01
CA GLU B 447 28.36 39.02 12.96
C GLU B 447 27.06 38.25 13.16
N CYS B 448 27.15 36.92 13.05
CA CYS B 448 26.00 36.06 13.24
C CYS B 448 26.47 34.67 13.58
N HIS B 449 25.93 34.09 14.65
CA HIS B 449 26.23 32.70 14.98
C HIS B 449 25.02 31.81 15.13
N SER B 450 23.83 32.36 15.25
CA SER B 450 22.67 31.56 15.66
C SER B 450 21.51 31.73 14.69
N CYS B 451 21.77 31.52 13.41
CA CYS B 451 20.72 31.43 12.40
C CYS B 451 20.98 30.19 11.55
N VAL B 452 20.45 29.06 12.01
CA VAL B 452 20.67 27.76 11.38
C VAL B 452 19.33 27.04 11.32
N TYR B 453 18.83 26.81 10.11
CA TYR B 453 17.59 26.06 10.03
C TYR B 453 17.84 24.59 10.29
N ASN B 454 16.76 23.89 10.60
CA ASN B 454 16.77 22.43 10.50
C ASN B 454 15.35 21.99 10.20
N MET B 455 15.15 21.42 9.03
CA MET B 455 13.80 21.08 8.65
C MET B 455 13.42 19.71 9.18
N MET B 456 12.13 19.44 9.10
CA MET B 456 11.61 18.10 9.00
C MET B 456 10.77 18.02 7.74
N GLY B 457 10.77 16.85 7.12
CA GLY B 457 9.93 16.65 5.95
C GLY B 457 8.77 15.72 6.23
N LYS B 458 7.58 16.27 6.40
CA LYS B 458 6.37 15.49 6.65
C LYS B 458 5.53 15.52 5.38
N ARG B 459 5.23 14.35 4.85
CA ARG B 459 4.37 14.24 3.68
C ARG B 459 3.27 13.24 4.01
N GLU B 460 2.13 13.37 3.34
CA GLU B 460 0.89 12.71 3.77
C GLU B 460 0.64 11.52 2.84
N LYS B 461 1.15 10.36 3.23
CA LYS B 461 1.10 9.17 2.39
C LYS B 461 -0.03 8.26 2.85
N LYS B 462 -0.65 7.59 1.88
CA LYS B 462 -1.68 6.61 2.24
C LYS B 462 -1.04 5.35 2.81
N GLN B 463 -0.32 4.60 1.97
CA GLN B 463 0.40 3.42 2.42
C GLN B 463 1.86 3.62 2.07
N GLY B 464 2.74 3.09 2.94
CA GLY B 464 4.17 3.29 2.88
C GLY B 464 4.83 3.01 1.55
N GLU B 465 5.67 3.96 1.16
CA GLU B 465 6.65 3.82 0.09
C GLU B 465 5.97 3.70 -1.28
N PHE B 466 4.79 4.30 -1.38
CA PHE B 466 3.88 4.21 -2.53
C PHE B 466 3.63 5.58 -3.15
N GLY B 467 4.55 5.99 -4.04
CA GLY B 467 4.37 7.02 -5.04
C GLY B 467 3.71 8.34 -4.70
N LYS B 468 4.36 9.17 -3.88
CA LYS B 468 3.88 10.53 -3.66
C LYS B 468 5.03 11.45 -3.29
N ALA B 469 5.09 12.60 -3.97
CA ALA B 469 6.15 13.60 -3.79
C ALA B 469 5.54 14.85 -3.17
N LYS B 470 5.72 14.97 -1.85
CA LYS B 470 5.44 16.19 -1.06
C LYS B 470 3.95 16.55 -1.08
N GLY B 471 3.14 15.60 -0.60
CA GLY B 471 1.72 15.86 -0.43
C GLY B 471 1.44 16.82 0.69
N SER B 472 2.31 16.85 1.70
CA SER B 472 2.44 17.98 2.61
C SER B 472 3.86 18.53 2.47
N ARG B 473 4.00 19.82 2.70
CA ARG B 473 5.23 20.48 2.33
C ARG B 473 6.31 20.23 3.37
N ALA B 474 7.56 20.42 2.95
CA ALA B 474 8.69 20.41 3.86
C ALA B 474 8.63 21.62 4.77
N ILE B 475 8.90 21.41 6.06
CA ILE B 475 8.73 22.44 7.07
C ILE B 475 10.07 22.65 7.77
N TRP B 476 10.57 23.87 7.72
CA TRP B 476 11.86 24.21 8.32
C TRP B 476 11.70 24.75 9.74
N TYR B 477 12.70 24.48 10.57
CA TYR B 477 12.74 24.99 11.93
C TYR B 477 13.99 25.82 12.17
N MET B 478 13.77 27.08 12.51
CA MET B 478 14.75 27.86 13.22
C MET B 478 14.49 27.70 14.72
N TRP B 479 15.58 27.63 15.49
CA TRP B 479 15.56 27.74 16.94
C TRP B 479 14.80 28.99 17.42
N LEU B 480 14.20 28.86 18.61
CA LEU B 480 13.29 29.86 19.16
C LEU B 480 13.91 31.23 19.32
N GLY B 481 15.19 31.31 19.64
CA GLY B 481 15.76 32.61 19.95
C GLY B 481 15.87 33.48 18.72
N ALA B 482 16.38 32.93 17.64
CA ALA B 482 16.30 33.66 16.39
C ALA B 482 14.87 33.73 15.88
N ARG B 483 13.96 32.87 16.34
CA ARG B 483 12.55 33.15 16.06
C ARG B 483 12.07 34.38 16.81
N PHE B 484 12.66 34.68 17.96
CA PHE B 484 12.32 35.95 18.59
C PHE B 484 12.95 37.10 17.86
N LEU B 485 14.13 36.90 17.30
CA LEU B 485 14.73 38.02 16.59
C LEU B 485 14.01 38.28 15.28
N GLU B 486 13.44 37.22 14.69
CA GLU B 486 12.41 37.39 13.68
C GLU B 486 11.28 38.23 14.22
N PHE B 487 10.82 37.91 15.44
CA PHE B 487 9.60 38.50 15.95
C PHE B 487 9.76 39.99 16.20
N GLU B 488 10.76 40.37 16.98
CA GLU B 488 11.02 41.78 17.23
C GLU B 488 11.47 42.47 15.96
N ALA B 489 12.16 41.75 15.09
CA ALA B 489 12.72 42.40 13.92
C ALA B 489 11.64 42.79 12.93
N LEU B 490 10.71 41.89 12.66
CA LEU B 490 9.73 42.14 11.62
C LEU B 490 8.31 41.82 12.02
N GLY B 491 8.08 41.15 13.13
CA GLY B 491 6.78 40.55 13.34
C GLY B 491 5.64 41.48 13.68
N PHE B 492 5.80 42.78 13.44
CA PHE B 492 4.69 43.69 13.64
C PHE B 492 3.60 43.47 12.62
N LEU B 493 3.97 43.04 11.41
CA LEU B 493 2.97 42.73 10.39
C LEU B 493 2.13 41.55 10.79
N ASN B 494 2.72 40.62 11.53
CA ASN B 494 1.96 39.54 12.13
C ASN B 494 0.99 40.08 13.16
N GLU B 495 1.31 41.19 13.80
CA GLU B 495 0.56 41.60 14.97
C GLU B 495 -0.56 42.55 14.64
N ASP B 496 -0.25 43.71 14.08
CA ASP B 496 -1.24 44.76 13.93
C ASP B 496 -1.78 44.87 12.52
N HIS B 497 -2.02 43.72 11.89
CA HIS B 497 -2.94 43.59 10.75
C HIS B 497 -2.44 44.34 9.53
N TRP B 498 -1.14 44.26 9.31
CA TRP B 498 -0.49 45.03 8.27
C TRP B 498 -0.69 44.45 6.90
N MET B 499 -1.44 43.38 6.77
CA MET B 499 -1.92 42.97 5.47
C MET B 499 -3.35 42.47 5.57
N GLY B 500 -4.05 42.83 6.64
CA GLY B 500 -5.47 42.54 6.74
C GLY B 500 -6.28 43.35 5.75
N ARG B 501 -7.55 42.98 5.65
CA ARG B 501 -8.43 43.57 4.63
C ARG B 501 -8.74 45.03 4.93
N GLU B 502 -8.82 45.41 6.19
CA GLU B 502 -9.12 46.80 6.48
C GLU B 502 -7.90 47.69 6.31
N ASN B 503 -6.71 47.13 6.25
CA ASN B 503 -5.49 47.90 6.00
C ASN B 503 -5.00 47.73 4.58
N SER B 504 -4.72 46.51 4.17
CA SER B 504 -4.14 46.31 2.86
C SER B 504 -5.18 46.17 1.78
N GLY B 505 -6.42 45.90 2.15
CA GLY B 505 -7.45 45.78 1.15
C GLY B 505 -7.42 44.51 0.34
N GLY B 506 -6.55 43.56 0.66
CA GLY B 506 -6.44 42.38 -0.17
C GLY B 506 -6.73 41.06 0.48
N GLY B 507 -6.35 40.89 1.74
CA GLY B 507 -6.33 39.59 2.37
C GLY B 507 -7.11 39.58 3.67
N VAL B 508 -7.72 38.42 3.96
CA VAL B 508 -8.71 38.38 5.02
C VAL B 508 -8.15 37.58 6.19
N GLU B 509 -6.83 37.65 6.37
CA GLU B 509 -6.27 37.00 7.53
C GLU B 509 -6.58 37.82 8.77
N GLY B 510 -6.51 37.16 9.91
CA GLY B 510 -7.01 37.76 11.13
C GLY B 510 -8.44 37.37 11.32
N LEU B 511 -9.25 37.54 10.29
CA LEU B 511 -10.52 36.84 10.26
C LEU B 511 -10.25 35.35 10.22
N GLY B 512 -11.13 34.59 10.86
CA GLY B 512 -10.94 33.16 10.94
C GLY B 512 -11.36 32.44 9.68
N LEU B 513 -12.05 31.33 9.83
CA LEU B 513 -12.57 30.63 8.66
C LEU B 513 -14.08 30.55 8.70
N GLN B 514 -14.70 31.48 9.39
CA GLN B 514 -16.15 31.41 9.54
C GLN B 514 -16.89 32.53 8.81
N ARG B 515 -16.18 33.56 8.32
CA ARG B 515 -16.82 34.69 7.66
C ARG B 515 -16.31 34.89 6.24
N LEU B 516 -15.45 34.02 5.74
CA LEU B 516 -14.82 34.21 4.44
C LEU B 516 -15.82 34.13 3.30
N GLY B 517 -16.83 33.27 3.45
CA GLY B 517 -17.82 33.10 2.41
C GLY B 517 -18.65 34.33 2.18
N TYR B 518 -18.79 35.17 3.21
CA TYR B 518 -19.37 36.47 2.97
C TYR B 518 -18.42 37.35 2.18
N ILE B 519 -17.11 37.09 2.27
CA ILE B 519 -16.24 38.00 1.54
C ILE B 519 -16.25 37.64 0.06
N LEU B 520 -16.44 36.36 -0.28
CA LEU B 520 -16.60 36.12 -1.71
C LEU B 520 -18.03 36.38 -2.15
N GLU B 521 -18.98 36.27 -1.24
CA GLU B 521 -20.37 36.47 -1.60
C GLU B 521 -20.69 37.94 -1.81
N GLU B 522 -19.91 38.84 -1.22
CA GLU B 522 -19.98 40.22 -1.64
C GLU B 522 -18.86 40.56 -2.61
N MET B 523 -18.00 39.59 -2.93
CA MET B 523 -17.33 39.68 -4.22
C MET B 523 -18.21 39.22 -5.37
N ASN B 524 -19.41 38.69 -5.09
CA ASN B 524 -20.30 38.28 -6.15
C ASN B 524 -20.88 39.46 -6.93
N ARG B 525 -20.90 40.64 -6.33
CA ARG B 525 -21.54 41.79 -6.96
C ARG B 525 -20.63 42.52 -7.95
N ALA B 526 -19.40 42.05 -8.13
CA ALA B 526 -18.55 42.62 -9.16
C ALA B 526 -19.09 42.24 -10.54
N PRO B 527 -18.90 43.09 -11.55
CA PRO B 527 -19.30 42.71 -12.89
C PRO B 527 -18.22 41.93 -13.60
N GLY B 528 -18.61 41.31 -14.70
CA GLY B 528 -17.65 40.72 -15.59
C GLY B 528 -17.32 39.27 -15.35
N GLY B 529 -16.17 39.01 -14.75
CA GLY B 529 -15.59 37.69 -14.76
C GLY B 529 -16.27 36.69 -13.84
N LYS B 530 -15.82 35.46 -13.96
CA LYS B 530 -16.28 34.34 -13.16
C LYS B 530 -15.39 34.24 -11.93
N MET B 531 -15.57 33.19 -11.15
CA MET B 531 -14.62 32.91 -10.08
C MET B 531 -13.35 32.39 -10.71
N TYR B 532 -12.26 33.14 -10.60
CA TYR B 532 -10.99 32.72 -11.18
C TYR B 532 -10.05 32.39 -10.03
N ALA B 533 -9.83 31.10 -9.81
CA ALA B 533 -9.29 30.55 -8.57
C ALA B 533 -8.07 29.72 -8.84
N ASP B 534 -7.10 30.32 -9.52
CA ASP B 534 -5.85 29.64 -9.83
C ASP B 534 -5.15 29.15 -8.57
N ASP B 535 -4.52 28.00 -8.69
CA ASP B 535 -3.71 27.41 -7.64
C ASP B 535 -2.32 27.23 -8.20
N THR B 536 -1.33 27.23 -7.32
CA THR B 536 0.06 27.23 -7.78
C THR B 536 0.82 26.05 -7.22
N ALA B 537 1.40 25.25 -8.10
CA ALA B 537 2.15 24.07 -7.69
C ALA B 537 3.52 24.48 -7.18
N GLY B 538 3.82 24.16 -5.93
CA GLY B 538 5.12 24.41 -5.38
C GLY B 538 5.41 25.88 -5.20
N TRP B 539 4.76 26.51 -4.22
CA TRP B 539 4.90 27.95 -4.06
C TRP B 539 6.29 28.32 -3.58
N ASP B 540 6.62 27.92 -2.36
CA ASP B 540 7.87 28.29 -1.72
C ASP B 540 9.08 27.72 -2.45
N THR B 541 8.89 26.62 -3.17
CA THR B 541 9.94 26.12 -4.04
C THR B 541 10.25 27.09 -5.18
N ARG B 542 9.27 27.89 -5.59
CA ARG B 542 9.44 28.72 -6.76
C ARG B 542 9.38 30.19 -6.41
N ILE B 543 10.18 30.63 -5.45
CA ILE B 543 10.36 32.05 -5.19
C ILE B 543 11.83 32.39 -5.34
N SER B 544 12.15 33.27 -6.28
CA SER B 544 13.54 33.48 -6.66
C SER B 544 14.16 34.61 -5.85
N LYS B 545 15.45 34.83 -6.10
CA LYS B 545 16.26 35.71 -5.27
C LYS B 545 15.84 37.16 -5.41
N PHE B 546 15.42 37.54 -6.60
CA PHE B 546 14.96 38.88 -6.86
C PHE B 546 13.52 39.09 -6.42
N ASP B 547 12.96 38.18 -5.65
CA ASP B 547 11.72 38.46 -4.94
C ASP B 547 11.98 38.92 -3.53
N LEU B 548 12.97 38.33 -2.87
CA LEU B 548 13.30 38.72 -1.51
C LEU B 548 14.43 39.73 -1.44
N GLU B 549 15.23 39.84 -2.49
CA GLU B 549 16.00 41.06 -2.67
C GLU B 549 15.07 42.24 -2.90
N ASN B 550 13.97 41.99 -3.60
CA ASN B 550 12.93 42.99 -3.76
C ASN B 550 12.22 43.27 -2.44
N GLU B 551 12.25 42.33 -1.51
CA GLU B 551 11.44 42.49 -0.31
C GLU B 551 12.01 43.50 0.67
N ALA B 552 13.30 43.77 0.59
CA ALA B 552 13.95 44.70 1.53
C ALA B 552 13.53 46.14 1.34
N LEU B 553 12.52 46.50 0.55
CA LEU B 553 12.14 47.89 0.39
C LEU B 553 11.41 48.45 1.59
N ILE B 554 10.98 47.61 2.54
CA ILE B 554 10.43 48.15 3.79
C ILE B 554 11.53 48.78 4.63
N THR B 555 12.81 48.52 4.33
CA THR B 555 13.90 49.23 4.98
C THR B 555 13.90 50.72 4.66
N ASN B 556 13.26 51.14 3.58
CA ASN B 556 13.15 52.56 3.30
C ASN B 556 12.22 53.28 4.26
N GLN B 557 11.45 52.57 5.06
CA GLN B 557 10.49 53.20 5.94
C GLN B 557 10.79 53.02 7.41
N MET B 558 11.80 52.26 7.78
CA MET B 558 11.94 51.91 9.18
C MET B 558 12.80 52.89 9.95
N GLU B 559 12.77 52.73 11.27
CA GLU B 559 13.65 53.48 12.14
C GLU B 559 15.07 52.95 12.00
N GLU B 560 16.04 53.78 12.40
CA GLU B 560 17.41 53.66 11.91
C GLU B 560 18.10 52.40 12.42
N GLY B 561 18.26 52.30 13.75
CA GLY B 561 18.78 51.05 14.31
C GLY B 561 17.83 49.89 14.08
N HIS B 562 16.53 50.18 14.03
CA HIS B 562 15.55 49.18 13.66
C HIS B 562 15.75 48.70 12.23
N ARG B 563 16.18 49.61 11.35
CA ARG B 563 16.59 49.20 10.02
C ARG B 563 17.88 48.38 10.06
N THR B 564 18.78 48.67 11.01
CA THR B 564 20.00 47.88 11.09
C THR B 564 19.69 46.45 11.52
N LEU B 565 18.78 46.29 12.46
CA LEU B 565 18.48 44.93 12.92
C LEU B 565 17.63 44.17 11.91
N ALA B 566 16.62 44.83 11.32
CA ALA B 566 15.74 44.09 10.43
C ALA B 566 16.42 43.83 9.09
N LEU B 567 17.13 44.83 8.57
CA LEU B 567 17.94 44.62 7.38
C LEU B 567 19.03 43.60 7.64
N ALA B 568 19.59 43.63 8.85
CA ALA B 568 20.61 42.66 9.24
C ALA B 568 20.05 41.25 9.19
N VAL B 569 18.90 41.03 9.82
CA VAL B 569 18.41 39.66 9.92
C VAL B 569 17.87 39.17 8.58
N ILE B 570 17.37 40.05 7.72
CA ILE B 570 16.98 39.54 6.41
C ILE B 570 18.21 39.29 5.56
N LYS B 571 19.33 39.94 5.88
CA LYS B 571 20.57 39.49 5.29
C LYS B 571 21.00 38.14 5.86
N TYR B 572 20.66 37.86 7.11
CA TYR B 572 21.32 36.73 7.77
C TYR B 572 20.54 35.45 7.66
N THR B 573 19.22 35.51 7.52
CA THR B 573 18.41 34.31 7.43
C THR B 573 17.71 34.14 6.10
N TYR B 574 17.69 35.16 5.26
CA TYR B 574 16.94 35.09 4.02
C TYR B 574 17.81 35.27 2.80
N GLN B 575 18.61 36.32 2.76
CA GLN B 575 19.52 36.51 1.64
C GLN B 575 20.59 35.44 1.61
N ASN B 576 20.95 34.91 2.76
CA ASN B 576 21.74 33.70 2.87
C ASN B 576 21.23 32.93 4.05
N LYS B 577 21.50 31.63 4.06
CA LYS B 577 20.96 30.77 5.11
C LYS B 577 21.76 29.47 5.13
N VAL B 578 21.61 28.73 6.22
CA VAL B 578 22.19 27.39 6.36
C VAL B 578 21.19 26.46 7.03
N VAL B 579 21.23 25.19 6.62
CA VAL B 579 20.44 24.14 7.23
C VAL B 579 21.36 22.96 7.50
N LYS B 580 21.10 22.22 8.57
CA LYS B 580 21.66 20.88 8.71
C LYS B 580 20.57 19.86 8.44
N VAL B 581 20.98 18.71 7.91
CA VAL B 581 20.05 17.81 7.23
C VAL B 581 20.39 16.36 7.55
N LEU B 582 19.40 15.62 8.04
CA LEU B 582 19.60 14.21 8.29
C LEU B 582 19.52 13.44 6.99
N ARG B 583 20.40 12.44 6.85
CA ARG B 583 20.49 11.63 5.65
C ARG B 583 20.85 10.22 6.06
N PRO B 584 20.06 9.24 5.67
CA PRO B 584 20.43 7.86 5.96
C PRO B 584 21.61 7.43 5.11
N ALA B 585 22.41 6.54 5.68
CA ALA B 585 23.60 6.06 5.00
C ALA B 585 23.86 4.63 5.46
N GLU B 586 25.08 4.16 5.22
CA GLU B 586 25.39 2.74 5.36
C GLU B 586 25.42 2.30 6.82
N GLY B 587 24.86 1.11 7.06
CA GLY B 587 24.81 0.57 8.39
C GLY B 587 23.89 1.30 9.35
N GLY B 588 22.92 2.04 8.83
CA GLY B 588 22.07 2.85 9.69
C GLY B 588 22.73 4.08 10.28
N LYS B 589 23.95 4.39 9.85
CA LYS B 589 24.67 5.54 10.36
C LYS B 589 24.11 6.78 9.68
N THR B 590 23.07 7.37 10.27
CA THR B 590 22.36 8.48 9.65
C THR B 590 23.24 9.73 9.76
N VAL B 591 24.20 9.82 8.85
CA VAL B 591 25.16 10.90 8.91
C VAL B 591 24.49 12.19 8.46
N MET B 592 24.56 13.22 9.28
CA MET B 592 23.88 14.48 9.02
C MET B 592 24.85 15.50 8.46
N ASP B 593 24.42 16.19 7.40
CA ASP B 593 25.23 17.15 6.68
C ASP B 593 24.92 18.56 7.13
N ILE B 594 25.58 19.53 6.51
CA ILE B 594 25.22 20.94 6.60
C ILE B 594 25.25 21.53 5.20
N ILE B 595 24.29 22.41 4.92
CA ILE B 595 23.91 22.73 3.56
C ILE B 595 23.62 24.22 3.45
N SER B 596 23.72 24.75 2.23
CA SER B 596 23.50 26.16 1.98
C SER B 596 22.76 26.37 0.68
N ARG B 597 22.01 27.46 0.63
CA ARG B 597 21.41 27.96 -0.60
C ARG B 597 21.09 29.43 -0.41
N GLN B 598 21.39 30.23 -1.42
CA GLN B 598 21.04 31.64 -1.34
C GLN B 598 19.54 31.85 -1.44
N ASP B 599 18.84 30.95 -2.11
CA ASP B 599 17.57 31.34 -2.70
C ASP B 599 16.52 30.25 -2.49
N GLN B 600 15.69 30.46 -1.47
CA GLN B 600 14.29 30.08 -1.29
C GLN B 600 13.92 30.66 0.05
N ARG B 601 12.65 30.63 0.35
CA ARG B 601 12.19 31.04 1.67
C ARG B 601 11.92 29.77 2.48
N GLY B 602 11.81 29.92 3.78
CA GLY B 602 11.37 28.82 4.62
C GLY B 602 9.87 28.68 4.61
N SER B 603 9.37 27.95 5.59
CA SER B 603 7.93 27.86 5.79
C SER B 603 7.49 27.92 7.24
N GLY B 604 8.42 28.05 8.18
CA GLY B 604 8.05 27.98 9.58
C GLY B 604 8.00 29.33 10.25
N GLN B 605 8.69 30.30 9.69
CA GLN B 605 8.80 31.62 10.30
C GLN B 605 7.47 32.35 10.20
N VAL B 606 7.19 33.16 11.22
CA VAL B 606 5.85 33.74 11.27
C VAL B 606 5.73 34.99 10.41
N VAL B 607 6.83 35.61 9.99
CA VAL B 607 6.73 36.75 9.09
C VAL B 607 6.55 36.34 7.63
N THR B 608 6.45 35.05 7.36
CA THR B 608 6.33 34.58 5.99
C THR B 608 4.98 34.88 5.37
N TYR B 609 3.96 35.17 6.19
CA TYR B 609 2.69 35.64 5.66
C TYR B 609 2.86 36.95 4.93
N ALA B 610 3.74 37.80 5.45
CA ALA B 610 4.01 39.07 4.80
C ALA B 610 4.63 38.86 3.42
N LEU B 611 5.63 37.99 3.33
CA LEU B 611 6.28 37.81 2.06
C LEU B 611 5.37 37.13 1.06
N ASN B 612 4.58 36.14 1.49
CA ASN B 612 3.86 35.44 0.44
C ASN B 612 2.61 36.20 0.01
N THR B 613 1.81 36.69 0.97
CA THR B 613 0.59 37.39 0.59
C THR B 613 0.94 38.73 -0.05
N PHE B 614 2.05 39.34 0.39
CA PHE B 614 2.69 40.40 -0.37
C PHE B 614 2.97 39.97 -1.80
N THR B 615 3.62 38.81 -1.94
CA THR B 615 4.26 38.45 -3.20
C THR B 615 3.22 38.06 -4.26
N ASN B 616 2.15 37.43 -3.84
CA ASN B 616 1.15 37.13 -4.84
C ASN B 616 0.13 38.24 -5.06
N LEU B 617 -0.03 39.16 -4.10
CA LEU B 617 -0.72 40.37 -4.51
C LEU B 617 0.08 41.13 -5.54
N VAL B 618 1.40 41.09 -5.45
CA VAL B 618 2.25 41.63 -6.51
C VAL B 618 1.97 40.91 -7.82
N VAL B 619 2.09 39.58 -7.82
CA VAL B 619 2.06 38.87 -9.09
C VAL B 619 0.66 38.87 -9.69
N GLN B 620 -0.38 39.08 -8.90
CA GLN B 620 -1.70 39.06 -9.49
C GLN B 620 -2.27 40.43 -9.75
N LEU B 621 -1.70 41.47 -9.15
CA LEU B 621 -1.88 42.76 -9.79
C LEU B 621 -1.21 42.76 -11.15
N ILE B 622 -0.06 42.11 -11.26
CA ILE B 622 0.63 42.06 -12.54
C ILE B 622 -0.17 41.24 -13.55
N ARG B 623 -0.79 40.16 -13.09
CA ARG B 623 -1.58 39.38 -14.02
C ARG B 623 -2.86 40.09 -14.37
N ASN B 624 -3.44 40.88 -13.46
CA ASN B 624 -4.66 41.57 -13.83
C ASN B 624 -4.38 42.75 -14.76
N MET B 625 -3.23 43.41 -14.63
CA MET B 625 -2.92 44.46 -15.60
C MET B 625 -2.51 43.90 -16.94
N GLU B 626 -2.02 42.66 -17.00
CA GLU B 626 -2.01 42.03 -18.31
C GLU B 626 -3.43 41.70 -18.77
N ALA B 627 -4.31 41.36 -17.84
CA ALA B 627 -5.68 40.99 -18.19
C ALA B 627 -6.51 42.19 -18.66
N GLU B 628 -6.04 43.41 -18.42
CA GLU B 628 -6.64 44.58 -19.06
C GLU B 628 -5.86 44.98 -20.30
N GLU B 629 -4.90 44.15 -20.72
CA GLU B 629 -4.07 44.36 -21.92
C GLU B 629 -3.29 45.66 -21.86
N VAL B 630 -3.01 46.11 -20.65
CA VAL B 630 -2.21 47.32 -20.49
C VAL B 630 -0.76 46.99 -20.76
N LEU B 631 -0.36 45.74 -20.53
CA LEU B 631 0.98 45.26 -20.81
C LEU B 631 0.91 44.27 -21.96
N GLU B 632 2.04 44.08 -22.62
CA GLU B 632 2.15 43.10 -23.69
C GLU B 632 3.44 42.34 -23.55
N MET B 633 3.56 41.26 -24.33
CA MET B 633 4.76 40.44 -24.34
C MET B 633 5.93 41.12 -25.04
N GLN B 634 5.72 42.28 -25.66
CA GLN B 634 6.80 43.09 -26.17
C GLN B 634 7.41 43.99 -25.10
N ASP B 635 7.14 43.73 -23.83
CA ASP B 635 7.56 44.57 -22.73
C ASP B 635 8.34 43.75 -21.71
N LEU B 636 9.33 43.01 -22.18
CA LEU B 636 10.05 42.08 -21.32
C LEU B 636 11.49 42.45 -21.06
N TRP B 637 12.12 43.23 -21.95
CA TRP B 637 13.57 43.25 -22.04
C TRP B 637 14.19 44.48 -21.39
N LEU B 638 13.83 45.68 -21.84
CA LEU B 638 14.45 46.87 -21.28
C LEU B 638 13.42 47.71 -20.52
N LEU B 639 12.44 48.30 -21.21
CA LEU B 639 11.28 49.02 -20.69
C LEU B 639 10.52 49.51 -21.91
N ARG B 640 9.28 49.94 -21.68
CA ARG B 640 8.62 50.85 -22.61
C ARG B 640 8.25 52.15 -21.92
N LYS B 641 7.48 52.09 -20.83
CA LYS B 641 7.02 53.26 -20.11
C LYS B 641 6.81 52.95 -18.63
N PRO B 642 7.50 53.63 -17.73
CA PRO B 642 7.08 53.60 -16.33
C PRO B 642 5.77 54.33 -16.11
N GLU B 643 5.43 55.26 -16.99
CA GLU B 643 4.23 56.06 -16.79
C GLU B 643 2.96 55.27 -17.10
N LYS B 644 3.06 54.22 -17.91
CA LYS B 644 1.88 53.40 -18.15
C LYS B 644 1.51 52.61 -16.91
N VAL B 645 2.49 52.26 -16.09
CA VAL B 645 2.20 51.35 -15.00
C VAL B 645 1.98 52.17 -13.75
N THR B 646 2.68 53.28 -13.60
CA THR B 646 2.31 54.20 -12.53
C THR B 646 0.97 54.82 -12.80
N ARG B 647 0.61 54.98 -14.07
CA ARG B 647 -0.74 55.43 -14.39
C ARG B 647 -1.77 54.37 -14.07
N TRP B 648 -1.49 53.12 -14.47
CA TRP B 648 -2.46 52.06 -14.26
C TRP B 648 -2.65 51.77 -12.79
N LEU B 649 -1.59 51.93 -12.01
CA LEU B 649 -1.71 51.86 -10.56
C LEU B 649 -2.50 53.03 -10.03
N GLN B 650 -2.00 54.25 -10.29
CA GLN B 650 -2.57 55.41 -9.63
C GLN B 650 -3.93 55.82 -10.18
N SER B 651 -4.46 55.07 -11.14
CA SER B 651 -5.86 55.12 -11.48
C SER B 651 -6.61 53.85 -11.11
N ASN B 652 -5.93 52.73 -11.00
CA ASN B 652 -6.62 51.46 -11.07
C ASN B 652 -6.37 50.54 -9.89
N GLY B 653 -5.12 50.44 -9.42
CA GLY B 653 -4.66 49.23 -8.77
C GLY B 653 -5.38 48.92 -7.47
N TRP B 654 -5.65 49.94 -6.66
CA TRP B 654 -6.40 49.74 -5.43
C TRP B 654 -7.80 49.25 -5.74
N ASP B 655 -8.44 49.83 -6.75
CA ASP B 655 -9.77 49.41 -7.15
C ASP B 655 -9.77 47.99 -7.70
N ARG B 656 -8.67 47.55 -8.30
CA ARG B 656 -8.63 46.16 -8.72
C ARG B 656 -8.50 45.22 -7.53
N LEU B 657 -7.59 45.51 -6.60
CA LEU B 657 -7.46 44.59 -5.48
C LEU B 657 -8.51 44.81 -4.40
N LYS B 658 -9.49 45.69 -4.63
CA LYS B 658 -10.73 45.67 -3.85
C LYS B 658 -11.46 44.34 -3.94
N ARG B 659 -11.22 43.57 -4.99
CA ARG B 659 -12.08 42.46 -5.36
C ARG B 659 -11.32 41.16 -5.50
N MET B 660 -10.49 40.80 -4.52
CA MET B 660 -9.88 39.48 -4.49
C MET B 660 -9.58 39.11 -3.05
N ALA B 661 -9.25 37.84 -2.83
CA ALA B 661 -9.00 37.32 -1.49
C ALA B 661 -7.80 36.39 -1.53
N VAL B 662 -6.79 36.73 -0.75
CA VAL B 662 -5.49 36.05 -0.80
C VAL B 662 -4.97 35.86 0.62
N SER B 663 -4.63 34.64 0.98
CA SER B 663 -3.94 34.37 2.24
C SER B 663 -2.89 33.31 1.98
N GLY B 664 -1.65 33.61 2.31
CA GLY B 664 -0.60 32.63 2.11
C GLY B 664 -0.13 32.56 0.68
N ASP B 665 -0.23 31.39 0.05
CA ASP B 665 0.06 31.27 -1.36
C ASP B 665 -1.19 31.31 -2.21
N ASP B 666 -2.34 31.07 -1.59
CA ASP B 666 -3.66 31.00 -2.20
C ASP B 666 -3.99 32.30 -2.94
N CYS B 667 -4.96 32.20 -3.86
CA CYS B 667 -5.58 33.39 -4.43
C CYS B 667 -6.96 33.03 -4.95
N VAL B 668 -7.87 34.00 -4.88
CA VAL B 668 -9.18 33.95 -5.52
C VAL B 668 -9.44 35.34 -6.07
N VAL B 669 -9.58 35.46 -7.39
CA VAL B 669 -9.82 36.77 -7.98
C VAL B 669 -11.12 36.73 -8.79
N LYS B 670 -11.57 37.92 -9.15
CA LYS B 670 -12.74 38.08 -10.01
C LYS B 670 -12.57 39.39 -10.77
N PRO B 671 -12.01 39.33 -11.97
CA PRO B 671 -11.87 40.53 -12.79
C PRO B 671 -13.19 40.87 -13.48
N ILE B 672 -13.16 41.92 -14.29
CA ILE B 672 -14.34 42.38 -14.99
C ILE B 672 -14.36 41.92 -16.43
N ASP B 673 -13.38 41.17 -16.86
CA ASP B 673 -13.34 40.57 -18.19
C ASP B 673 -13.27 39.06 -18.03
N ASP B 674 -13.10 38.38 -19.15
CA ASP B 674 -12.74 36.97 -19.13
C ASP B 674 -11.39 36.75 -19.76
N ARG B 675 -10.61 37.84 -19.94
CA ARG B 675 -9.28 37.75 -20.52
C ARG B 675 -8.27 37.16 -19.56
N PHE B 676 -8.59 37.17 -18.26
CA PHE B 676 -7.67 36.75 -17.21
C PHE B 676 -7.26 35.30 -17.38
N ALA B 677 -8.13 34.49 -17.95
CA ALA B 677 -7.89 33.06 -18.11
C ALA B 677 -6.74 32.75 -19.05
N HIS B 678 -6.30 33.72 -19.86
CA HIS B 678 -5.24 33.48 -20.82
C HIS B 678 -4.23 34.61 -20.80
N ALA B 679 -3.82 35.03 -19.60
CA ALA B 679 -2.75 36.02 -19.44
C ALA B 679 -1.61 35.32 -18.71
N LEU B 680 -0.66 34.78 -19.46
CA LEU B 680 0.14 33.69 -18.94
C LEU B 680 1.63 33.74 -19.22
N ARG B 681 2.13 34.70 -19.99
CA ARG B 681 3.50 34.56 -20.50
C ARG B 681 4.53 34.99 -19.47
N PHE B 682 4.53 36.28 -19.16
CA PHE B 682 5.18 36.96 -18.04
C PHE B 682 5.17 36.17 -16.73
N LEU B 683 4.06 35.52 -16.42
CA LEU B 683 3.95 34.73 -15.21
C LEU B 683 4.86 33.53 -15.28
N ASN B 684 4.90 32.89 -16.45
CA ASN B 684 5.84 31.82 -16.66
C ASN B 684 7.26 32.34 -16.81
N ASP B 685 7.45 33.62 -17.10
CA ASP B 685 8.79 34.18 -17.01
C ASP B 685 9.24 34.26 -15.57
N MET B 686 8.35 34.69 -14.68
CA MET B 686 8.64 34.57 -13.26
C MET B 686 8.69 33.11 -12.84
N GLY B 687 7.83 32.29 -13.43
CA GLY B 687 7.87 30.87 -13.15
C GLY B 687 7.01 30.48 -11.97
N LYS B 688 5.73 30.78 -12.04
CA LYS B 688 4.77 30.33 -11.02
C LYS B 688 3.75 29.45 -11.71
N VAL B 689 4.12 28.19 -11.93
CA VAL B 689 3.29 27.30 -12.74
C VAL B 689 2.08 26.85 -11.94
N ARG B 690 1.12 26.28 -12.64
CA ARG B 690 -0.18 26.01 -12.06
C ARG B 690 -0.31 24.53 -11.72
N LYS B 691 -1.52 24.12 -11.35
CA LYS B 691 -1.84 22.73 -11.08
C LYS B 691 -2.90 22.26 -12.05
N ASP B 692 -2.67 21.07 -12.64
CA ASP B 692 -3.65 20.34 -13.47
C ASP B 692 -4.04 21.16 -14.70
N THR B 693 -3.06 21.85 -15.27
CA THR B 693 -3.20 22.66 -16.47
C THR B 693 -1.80 22.83 -17.03
N GLN B 694 -1.61 22.62 -18.32
CA GLN B 694 -0.26 22.69 -18.85
C GLN B 694 0.21 24.13 -18.98
N GLU B 695 1.40 24.28 -19.55
CA GLU B 695 2.18 25.50 -19.42
C GLU B 695 1.58 26.68 -20.17
N TRP B 696 0.73 26.44 -21.16
CA TRP B 696 0.13 27.54 -21.89
C TRP B 696 -1.37 27.43 -21.99
N LYS B 697 -1.96 26.37 -21.47
CA LYS B 697 -3.38 26.15 -21.60
C LYS B 697 -4.14 27.19 -20.80
N PRO B 698 -5.17 27.80 -21.38
CA PRO B 698 -5.94 28.81 -20.64
C PRO B 698 -6.73 28.18 -19.52
N SER B 699 -7.00 29.00 -18.51
CA SER B 699 -7.50 28.52 -17.24
C SER B 699 -9.00 28.27 -17.32
N THR B 700 -9.58 27.89 -16.19
CA THR B 700 -10.99 27.54 -16.12
C THR B 700 -11.64 28.35 -15.02
N GLY B 701 -12.76 28.98 -15.32
CA GLY B 701 -13.46 29.78 -14.34
C GLY B 701 -14.58 29.04 -13.66
N TRP B 702 -15.29 29.77 -12.81
CA TRP B 702 -16.49 29.26 -12.18
C TRP B 702 -17.52 30.37 -12.18
N SER B 703 -18.52 30.22 -13.02
CA SER B 703 -19.64 31.16 -12.98
C SER B 703 -20.40 31.02 -11.68
N ASN B 704 -20.54 29.81 -11.18
CA ASN B 704 -21.07 29.62 -9.85
C ASN B 704 -19.99 29.99 -8.85
N TRP B 705 -20.43 30.39 -7.66
CA TRP B 705 -19.52 30.73 -6.57
C TRP B 705 -19.66 29.81 -5.36
N GLU B 706 -20.68 28.97 -5.31
CA GLU B 706 -20.94 28.21 -4.11
C GLU B 706 -20.10 26.97 -3.99
N GLU B 707 -19.11 26.76 -4.84
CA GLU B 707 -18.21 25.65 -4.63
C GLU B 707 -16.79 25.95 -5.05
N VAL B 708 -16.43 27.21 -5.23
CA VAL B 708 -15.09 27.53 -5.70
C VAL B 708 -14.07 27.23 -4.60
N PRO B 709 -13.01 26.50 -4.88
CA PRO B 709 -12.17 25.97 -3.81
C PRO B 709 -11.00 26.85 -3.45
N PHE B 710 -10.82 27.09 -2.15
CA PHE B 710 -9.63 27.77 -1.68
C PHE B 710 -9.48 27.47 -0.20
N CYS B 711 -8.23 27.31 0.23
CA CYS B 711 -7.87 26.86 1.57
C CYS B 711 -8.58 25.57 1.95
N SER B 712 -8.67 24.68 0.95
CA SER B 712 -9.24 23.34 1.08
C SER B 712 -10.69 23.38 1.56
N HIS B 713 -11.44 24.39 1.13
CA HIS B 713 -12.81 24.50 1.55
C HIS B 713 -13.70 25.05 0.45
N HIS B 714 -14.78 24.34 0.17
CA HIS B 714 -15.89 24.90 -0.58
C HIS B 714 -16.93 25.37 0.43
N PHE B 715 -17.57 26.49 0.12
CA PHE B 715 -18.42 27.17 1.07
C PHE B 715 -19.88 27.08 0.65
N ASN B 716 -20.75 26.81 1.61
CA ASN B 716 -22.16 26.72 1.32
C ASN B 716 -22.92 27.76 2.13
N LYS B 717 -24.05 28.20 1.60
CA LYS B 717 -24.93 29.11 2.30
C LYS B 717 -26.23 28.38 2.65
N LEU B 718 -26.74 28.64 3.84
CA LEU B 718 -27.91 27.93 4.32
C LEU B 718 -28.92 28.89 4.89
N TYR B 719 -30.16 28.43 4.89
CA TYR B 719 -31.31 29.21 5.27
C TYR B 719 -32.01 28.55 6.44
N LEU B 720 -32.50 29.37 7.34
CA LEU B 720 -33.07 28.88 8.57
C LEU B 720 -34.51 28.45 8.39
N LYS B 721 -35.08 27.93 9.46
CA LYS B 721 -36.53 27.83 9.57
C LYS B 721 -37.12 29.22 9.76
N ASP B 722 -36.36 30.12 10.38
CA ASP B 722 -36.72 31.52 10.36
C ASP B 722 -36.53 32.11 8.98
N GLY B 723 -35.63 31.56 8.19
CA GLY B 723 -35.29 32.15 6.91
C GLY B 723 -34.09 33.06 7.02
N ARG B 724 -32.97 32.52 7.50
CA ARG B 724 -31.79 33.30 7.80
C ARG B 724 -30.60 32.80 7.01
N SER B 725 -30.03 33.69 6.18
CA SER B 725 -28.94 33.34 5.29
C SER B 725 -27.66 33.16 6.08
N ILE B 726 -27.19 31.91 6.16
CA ILE B 726 -25.99 31.57 6.90
C ILE B 726 -25.02 30.90 5.95
N VAL B 727 -23.90 31.55 5.71
CA VAL B 727 -22.84 30.97 4.90
C VAL B 727 -21.98 30.10 5.79
N VAL B 728 -21.81 28.84 5.41
CA VAL B 728 -21.07 27.90 6.26
C VAL B 728 -19.85 27.38 5.49
N PRO B 729 -18.74 27.09 6.15
CA PRO B 729 -17.64 26.40 5.50
C PRO B 729 -17.83 24.89 5.49
N CYS B 730 -17.05 24.22 4.64
CA CYS B 730 -17.18 22.79 4.44
C CYS B 730 -15.95 22.26 3.73
N ARG B 731 -15.77 20.95 3.82
CA ARG B 731 -14.80 20.19 3.03
C ARG B 731 -15.28 18.76 3.02
N HIS B 732 -14.61 17.92 2.22
CA HIS B 732 -15.03 16.54 2.06
C HIS B 732 -14.82 15.77 3.35
N GLN B 733 -15.84 14.98 3.71
CA GLN B 733 -15.99 14.45 5.06
C GLN B 733 -14.82 13.59 5.50
N ASP B 734 -14.21 12.90 4.54
CA ASP B 734 -13.18 11.93 4.83
C ASP B 734 -11.93 12.60 5.38
N GLU B 735 -11.52 13.72 4.81
CA GLU B 735 -10.23 14.28 5.19
C GLU B 735 -10.25 14.98 6.54
N LEU B 736 -11.41 15.11 7.19
CA LEU B 736 -11.44 15.60 8.56
C LEU B 736 -11.68 14.50 9.57
N ILE B 737 -12.54 13.53 9.26
CA ILE B 737 -12.78 12.41 10.15
C ILE B 737 -11.54 11.54 10.23
N GLY B 738 -10.69 11.59 9.21
CA GLY B 738 -9.40 11.01 9.33
C GLY B 738 -8.38 11.91 9.98
N ARG B 739 -8.75 13.10 10.43
CA ARG B 739 -7.78 13.88 11.17
C ARG B 739 -7.89 13.65 12.66
N ALA B 740 -9.10 13.37 13.13
CA ALA B 740 -9.28 12.98 14.53
C ALA B 740 -8.75 11.60 14.81
N ARG B 741 -8.60 10.78 13.77
CA ARG B 741 -8.07 9.44 13.93
C ARG B 741 -6.60 9.46 14.30
N VAL B 742 -5.88 10.51 13.97
CA VAL B 742 -4.44 10.53 14.21
C VAL B 742 -4.14 10.90 15.65
N SER B 743 -3.03 10.38 16.15
CA SER B 743 -2.52 10.75 17.45
C SER B 743 -1.11 11.29 17.28
N PRO B 744 -0.78 12.42 17.89
CA PRO B 744 0.43 13.16 17.49
C PRO B 744 1.72 12.58 18.01
N GLY B 745 1.71 11.89 19.14
CA GLY B 745 2.94 11.45 19.77
C GLY B 745 3.23 12.12 21.09
N ALA B 746 2.38 13.05 21.52
CA ALA B 746 2.42 13.62 22.86
C ALA B 746 1.21 13.25 23.69
N GLY B 747 0.15 12.76 23.06
CA GLY B 747 -1.02 12.24 23.74
C GLY B 747 -0.80 10.82 24.20
N TRP B 748 -0.07 10.65 25.29
CA TRP B 748 0.30 9.31 25.74
C TRP B 748 -0.73 8.70 26.68
N SER B 749 -1.48 9.52 27.39
CA SER B 749 -2.35 9.04 28.44
C SER B 749 -3.63 8.46 27.87
N ILE B 750 -4.61 8.28 28.74
CA ILE B 750 -5.98 8.21 28.28
C ILE B 750 -6.61 9.58 28.29
N ARG B 751 -6.14 10.48 29.17
CA ARG B 751 -6.77 11.78 29.33
C ARG B 751 -6.43 12.70 28.18
N GLU B 752 -5.21 12.60 27.67
CA GLU B 752 -4.78 13.49 26.61
C GLU B 752 -5.48 13.18 25.30
N THR B 753 -5.62 11.90 24.99
CA THR B 753 -6.38 11.52 23.81
C THR B 753 -7.86 11.78 24.00
N ALA B 754 -8.36 11.67 25.23
CA ALA B 754 -9.77 11.96 25.46
C ALA B 754 -10.08 13.44 25.27
N CYS B 755 -9.23 14.32 25.79
CA CYS B 755 -9.51 15.74 25.65
C CYS B 755 -9.24 16.24 24.25
N LEU B 756 -8.23 15.69 23.58
CA LEU B 756 -7.95 16.09 22.21
C LEU B 756 -9.07 15.64 21.29
N ALA B 757 -9.57 14.44 21.52
CA ALA B 757 -10.73 13.98 20.78
C ALA B 757 -11.94 14.83 21.09
N LYS B 758 -12.03 15.36 22.30
CA LYS B 758 -13.12 16.27 22.58
C LYS B 758 -12.87 17.63 21.92
N SER B 759 -11.63 17.97 21.65
CA SER B 759 -11.34 19.20 20.93
C SER B 759 -11.85 19.10 19.50
N TYR B 760 -11.63 17.95 18.88
CA TYR B 760 -12.26 17.69 17.59
C TYR B 760 -13.77 17.69 17.68
N ALA B 761 -14.32 17.21 18.80
CA ALA B 761 -15.76 17.22 18.96
C ALA B 761 -16.31 18.64 19.00
N GLN B 762 -15.61 19.54 19.67
CA GLN B 762 -16.14 20.89 19.77
C GLN B 762 -15.98 21.62 18.45
N MET B 763 -14.81 21.47 17.81
CA MET B 763 -14.57 22.16 16.54
C MET B 763 -15.56 21.70 15.49
N TRP B 764 -15.89 20.43 15.49
CA TRP B 764 -16.89 19.98 14.56
C TRP B 764 -18.28 20.40 15.00
N GLN B 765 -18.50 20.56 16.31
CA GLN B 765 -19.80 21.02 16.75
C GLN B 765 -20.08 22.46 16.36
N LEU B 766 -19.03 23.26 16.20
CA LEU B 766 -19.26 24.64 15.87
C LEU B 766 -19.52 24.80 14.38
N LEU B 767 -18.51 24.51 13.56
CA LEU B 767 -18.59 24.85 12.15
C LEU B 767 -19.41 23.85 11.37
N TYR B 768 -19.16 22.56 11.56
CA TYR B 768 -19.55 21.50 10.64
C TYR B 768 -20.83 20.80 11.07
N PHE B 769 -21.73 21.57 11.68
CA PHE B 769 -22.94 21.05 12.28
C PHE B 769 -23.92 20.51 11.26
N HIS B 770 -23.91 21.05 10.04
CA HIS B 770 -25.03 20.84 9.12
C HIS B 770 -25.05 19.45 8.54
N ARG B 771 -23.91 18.77 8.49
CA ARG B 771 -23.91 17.38 8.06
C ARG B 771 -24.59 16.51 9.10
N ARG B 772 -25.04 15.35 8.66
CA ARG B 772 -25.74 14.48 9.60
C ARG B 772 -24.75 13.75 10.49
N ASP B 773 -23.59 13.44 9.94
CA ASP B 773 -22.71 12.45 10.53
C ASP B 773 -21.95 13.01 11.71
N LEU B 774 -21.27 14.14 11.50
CA LEU B 774 -20.38 14.68 12.52
C LEU B 774 -21.16 15.20 13.71
N ARG B 775 -22.46 15.39 13.57
CA ARG B 775 -23.28 15.74 14.72
C ARG B 775 -23.46 14.53 15.62
N LEU B 776 -23.82 13.38 15.04
CA LEU B 776 -24.04 12.18 15.84
C LEU B 776 -22.72 11.67 16.43
N MET B 777 -21.66 11.70 15.61
CA MET B 777 -20.30 11.58 16.12
C MET B 777 -20.02 12.54 17.25
N ALA B 778 -20.44 13.79 17.07
CA ALA B 778 -20.01 14.88 17.94
C ALA B 778 -20.66 14.79 19.31
N ASN B 779 -21.99 14.77 19.34
CA ASN B 779 -22.67 14.63 20.61
C ASN B 779 -22.52 13.25 21.20
N ALA B 780 -22.16 12.27 20.36
CA ALA B 780 -21.77 10.97 20.89
C ALA B 780 -20.56 11.10 21.78
N ILE B 781 -19.44 11.59 21.23
CA ILE B 781 -18.23 11.67 22.03
C ILE B 781 -18.31 12.79 23.07
N CYS B 782 -19.27 13.70 22.94
CA CYS B 782 -19.56 14.61 24.05
C CYS B 782 -20.10 13.85 25.25
N SER B 783 -20.90 12.82 25.02
CA SER B 783 -21.35 11.98 26.12
C SER B 783 -20.25 11.09 26.65
N ALA B 784 -19.19 10.87 25.88
CA ALA B 784 -18.20 9.89 26.28
C ALA B 784 -17.19 10.49 27.24
N VAL B 785 -16.50 11.52 26.80
CA VAL B 785 -15.51 12.20 27.63
C VAL B 785 -16.23 12.90 28.78
N PRO B 786 -15.66 12.91 29.98
CA PRO B 786 -16.33 13.55 31.12
C PRO B 786 -16.58 15.03 30.91
N VAL B 787 -17.75 15.47 31.40
CA VAL B 787 -18.14 16.88 31.43
C VAL B 787 -17.15 17.67 32.26
N ASP B 788 -16.55 17.01 33.25
CA ASP B 788 -15.58 17.61 34.13
C ASP B 788 -14.29 18.02 33.42
N TRP B 789 -14.05 17.52 32.23
CA TRP B 789 -12.73 17.64 31.66
C TRP B 789 -12.63 18.84 30.74
N VAL B 790 -11.42 19.13 30.30
CA VAL B 790 -11.10 20.32 29.53
C VAL B 790 -10.45 19.91 28.21
N PRO B 791 -11.06 20.20 27.07
CA PRO B 791 -10.42 19.86 25.79
C PRO B 791 -9.28 20.81 25.51
N THR B 792 -8.12 20.25 25.19
CA THR B 792 -6.97 21.08 24.82
C THR B 792 -6.44 20.63 23.47
N GLY B 793 -5.27 21.08 23.09
CA GLY B 793 -4.59 20.56 21.91
C GLY B 793 -4.67 21.49 20.71
N ARG B 794 -4.56 20.87 19.52
CA ARG B 794 -4.40 21.62 18.27
C ARG B 794 -5.01 20.81 17.14
N THR B 795 -6.19 21.21 16.65
CA THR B 795 -6.79 20.46 15.55
C THR B 795 -6.20 20.87 14.22
N THR B 796 -6.48 22.09 13.78
CA THR B 796 -6.15 22.49 12.43
C THR B 796 -4.69 22.94 12.35
N TRP B 797 -4.33 23.49 11.20
CA TRP B 797 -3.02 24.08 11.02
C TRP B 797 -3.02 25.39 10.25
N SER B 798 -4.18 25.85 9.79
CA SER B 798 -4.24 27.12 9.09
C SER B 798 -4.05 28.26 10.09
N ILE B 799 -3.80 29.45 9.56
CA ILE B 799 -3.84 30.62 10.42
C ILE B 799 -5.26 31.00 10.75
N HIS B 800 -6.23 30.47 10.03
CA HIS B 800 -7.63 30.81 10.25
C HIS B 800 -8.22 30.13 11.46
N GLY B 801 -7.50 29.24 12.10
CA GLY B 801 -7.96 28.66 13.34
C GLY B 801 -8.02 29.69 14.46
N LYS B 802 -9.24 30.07 14.83
CA LYS B 802 -9.41 31.07 15.88
C LYS B 802 -9.06 30.51 17.24
N GLY B 803 -9.21 29.22 17.43
CA GLY B 803 -9.15 28.70 18.78
C GLY B 803 -10.37 29.03 19.57
N GLU B 804 -11.49 29.25 18.88
CA GLU B 804 -12.70 29.69 19.54
C GLU B 804 -13.36 28.58 20.32
N TRP B 805 -13.33 27.36 19.79
CA TRP B 805 -14.08 26.23 20.29
C TRP B 805 -13.32 25.42 21.33
N MET B 806 -12.43 26.05 22.10
CA MET B 806 -11.59 25.37 23.09
C MET B 806 -12.17 25.45 24.50
N THR B 807 -13.21 26.25 24.71
CA THR B 807 -13.84 26.41 26.02
C THR B 807 -14.54 25.14 26.49
N THR B 808 -14.87 25.14 27.77
CA THR B 808 -15.66 24.07 28.38
C THR B 808 -17.13 24.43 28.40
N GLU B 809 -17.48 25.59 27.86
CA GLU B 809 -18.84 26.12 27.87
C GLU B 809 -19.77 25.24 27.06
N ASP B 810 -21.02 25.16 27.51
CA ASP B 810 -22.12 24.63 26.73
C ASP B 810 -22.13 25.25 25.33
N MET B 811 -22.08 24.39 24.33
CA MET B 811 -21.83 24.80 22.96
C MET B 811 -22.98 25.58 22.32
N LEU B 812 -24.19 25.49 22.86
CA LEU B 812 -25.29 26.33 22.37
C LEU B 812 -24.97 27.80 22.48
N MET B 813 -24.36 28.19 23.60
CA MET B 813 -23.95 29.57 23.80
C MET B 813 -22.85 29.96 22.82
N VAL B 814 -21.96 29.03 22.51
CA VAL B 814 -20.81 29.35 21.67
C VAL B 814 -21.23 29.54 20.21
N TRP B 815 -22.08 28.63 19.70
CA TRP B 815 -22.75 28.83 18.41
C TRP B 815 -23.52 30.14 18.38
N ASN B 816 -24.23 30.44 19.47
CA ASN B 816 -25.10 31.60 19.44
C ASN B 816 -24.27 32.87 19.43
N ARG B 817 -23.10 32.83 20.08
CA ARG B 817 -22.17 33.96 20.03
C ARG B 817 -21.62 34.16 18.64
N VAL B 818 -20.90 33.17 18.11
CA VAL B 818 -20.15 33.42 16.89
C VAL B 818 -21.08 33.48 15.69
N TRP B 819 -22.20 32.78 15.78
CA TRP B 819 -23.06 32.64 14.63
C TRP B 819 -24.43 33.25 14.83
N ILE B 820 -24.61 34.11 15.84
CA ILE B 820 -25.60 35.18 15.80
C ILE B 820 -24.99 36.53 16.16
N GLU B 821 -24.25 36.61 17.28
CA GLU B 821 -23.91 37.90 17.86
C GLU B 821 -22.90 38.68 17.03
N GLU B 822 -21.68 38.17 16.88
CA GLU B 822 -20.63 38.97 16.25
C GLU B 822 -20.69 38.92 14.73
N ASN B 823 -21.85 38.62 14.18
CA ASN B 823 -22.09 38.67 12.74
C ASN B 823 -22.62 40.04 12.41
N ASP B 824 -21.80 40.82 11.73
CA ASP B 824 -22.31 42.00 11.05
C ASP B 824 -23.27 41.57 9.96
N HIS B 825 -22.91 40.50 9.25
CA HIS B 825 -23.56 40.12 8.03
C HIS B 825 -24.90 39.47 8.28
N MET B 826 -25.14 39.03 9.51
CA MET B 826 -26.48 38.73 9.97
C MET B 826 -27.00 39.96 10.68
N GLU B 827 -28.25 40.32 10.39
CA GLU B 827 -28.83 41.53 10.96
C GLU B 827 -29.67 41.23 12.18
N ASP B 828 -30.75 40.47 12.00
CA ASP B 828 -31.69 40.21 13.09
C ASP B 828 -31.05 39.21 14.03
N LYS B 829 -30.58 39.69 15.17
CA LYS B 829 -29.87 38.81 16.07
C LYS B 829 -30.79 38.23 17.15
N THR B 830 -31.89 37.65 16.71
CA THR B 830 -32.75 36.89 17.61
C THR B 830 -32.13 35.54 17.87
N PRO B 831 -31.99 35.13 19.13
CA PRO B 831 -31.09 34.03 19.47
C PRO B 831 -31.68 32.65 19.17
N VAL B 832 -30.77 31.70 18.94
CA VAL B 832 -31.16 30.31 18.82
C VAL B 832 -31.55 29.75 20.18
N THR B 833 -32.40 28.74 20.15
CA THR B 833 -32.77 28.02 21.36
C THR B 833 -32.31 26.58 21.33
N LYS B 834 -32.65 25.83 20.29
CA LYS B 834 -32.30 24.42 20.18
C LYS B 834 -31.40 24.25 18.97
N TRP B 835 -30.18 23.76 19.19
CA TRP B 835 -29.38 23.36 18.03
C TRP B 835 -29.83 22.03 17.48
N THR B 836 -30.67 21.31 18.22
CA THR B 836 -31.40 20.19 17.68
C THR B 836 -32.36 20.64 16.59
N ASP B 837 -32.97 21.81 16.77
CA ASP B 837 -33.86 22.36 15.76
C ASP B 837 -33.14 23.29 14.79
N ILE B 838 -31.81 23.36 14.86
CA ILE B 838 -31.01 23.86 13.75
C ILE B 838 -31.05 22.82 12.64
N PRO B 839 -31.51 23.16 11.46
CA PRO B 839 -31.59 22.18 10.36
C PRO B 839 -30.23 21.93 9.71
N TYR B 840 -30.27 21.22 8.59
CA TYR B 840 -29.10 20.60 7.98
C TYR B 840 -28.79 21.18 6.62
N LEU B 841 -27.67 20.71 6.07
CA LEU B 841 -27.44 20.82 4.64
C LEU B 841 -28.33 19.80 3.93
N GLY B 842 -28.51 20.00 2.62
CA GLY B 842 -29.33 19.09 1.84
C GLY B 842 -28.74 17.69 1.76
N LYS B 843 -29.60 16.74 1.39
CA LYS B 843 -29.21 15.33 1.43
C LYS B 843 -28.14 15.02 0.39
N ARG B 844 -28.42 15.31 -0.87
CA ARG B 844 -27.57 14.85 -1.95
C ARG B 844 -26.29 15.64 -2.02
N GLU B 845 -26.33 16.91 -1.64
CA GLU B 845 -25.13 17.74 -1.67
C GLU B 845 -24.13 17.27 -0.63
N ASP B 846 -24.62 16.80 0.51
CA ASP B 846 -23.72 16.20 1.48
C ASP B 846 -23.24 14.85 0.97
N LEU B 847 -24.08 14.16 0.20
CA LEU B 847 -23.60 12.94 -0.43
C LEU B 847 -22.56 13.22 -1.51
N TRP B 848 -22.56 14.41 -2.10
CA TRP B 848 -21.44 14.81 -2.94
C TRP B 848 -20.18 14.97 -2.12
N CYS B 849 -20.33 15.27 -0.84
CA CYS B 849 -19.20 15.57 0.01
C CYS B 849 -18.77 14.40 0.87
N GLY B 850 -19.26 13.20 0.58
CA GLY B 850 -18.70 12.00 1.16
C GLY B 850 -19.41 11.44 2.36
N SER B 851 -20.74 11.42 2.35
CA SER B 851 -21.48 10.81 3.45
C SER B 851 -21.81 9.36 3.17
N LEU B 852 -22.34 8.69 4.18
CA LEU B 852 -22.85 7.34 4.01
C LEU B 852 -24.11 7.12 4.85
N ILE B 853 -24.99 8.12 4.86
CA ILE B 853 -26.34 7.94 5.35
C ILE B 853 -27.07 6.95 4.44
N GLY B 854 -28.05 6.26 5.01
CA GLY B 854 -28.79 5.27 4.26
C GLY B 854 -28.08 3.95 4.05
N HIS B 855 -26.78 3.89 4.25
CA HIS B 855 -26.00 2.67 4.16
C HIS B 855 -26.35 1.76 5.35
N ARG B 856 -26.10 0.47 5.19
CA ARG B 856 -26.40 -0.46 6.28
C ARG B 856 -25.55 -0.29 7.53
N PRO B 857 -24.20 -0.15 7.47
CA PRO B 857 -23.45 -0.04 8.75
C PRO B 857 -23.84 1.16 9.60
N ARG B 858 -23.81 2.36 9.00
CA ARG B 858 -24.14 3.60 9.70
C ARG B 858 -25.53 3.54 10.31
N THR B 859 -26.50 2.97 9.58
CA THR B 859 -27.84 2.82 10.11
C THR B 859 -27.85 1.89 11.32
N THR B 860 -27.12 0.78 11.23
CA THR B 860 -27.13 -0.21 12.30
C THR B 860 -26.52 0.32 13.58
N TRP B 861 -25.26 0.76 13.56
CA TRP B 861 -24.74 1.26 14.83
C TRP B 861 -25.27 2.65 15.16
N ALA B 862 -25.93 3.31 14.22
CA ALA B 862 -26.72 4.48 14.54
C ALA B 862 -28.08 4.12 15.10
N GLU B 863 -28.41 2.85 15.25
CA GLU B 863 -29.57 2.49 16.05
C GLU B 863 -29.20 2.00 17.44
N ASN B 864 -27.91 1.93 17.77
CA ASN B 864 -27.50 1.64 19.14
C ASN B 864 -26.17 2.33 19.41
N ILE B 865 -26.21 3.39 20.23
CA ILE B 865 -25.06 4.24 20.44
C ILE B 865 -24.70 4.31 21.92
N LYS B 866 -25.70 4.35 22.81
CA LYS B 866 -25.47 4.39 24.24
C LYS B 866 -24.63 3.21 24.72
N ASP B 867 -24.83 2.04 24.12
CA ASP B 867 -23.95 0.92 24.37
C ASP B 867 -22.53 1.20 23.90
N THR B 868 -22.40 1.84 22.74
CA THR B 868 -21.10 2.04 22.14
C THR B 868 -20.27 3.01 22.95
N VAL B 869 -20.94 4.00 23.54
CA VAL B 869 -20.22 4.88 24.45
C VAL B 869 -20.15 4.28 25.84
N ASN B 870 -21.01 3.33 26.17
CA ASN B 870 -20.83 2.62 27.43
C ASN B 870 -19.61 1.71 27.38
N MET B 871 -19.18 1.35 26.17
CA MET B 871 -17.89 0.68 26.03
C MET B 871 -16.79 1.57 26.57
N VAL B 872 -16.72 2.81 26.13
CA VAL B 872 -15.62 3.63 26.57
C VAL B 872 -15.86 4.15 27.99
N ARG B 873 -17.12 4.27 28.42
CA ARG B 873 -17.42 4.59 29.80
C ARG B 873 -17.07 3.43 30.73
N ARG B 874 -16.92 2.23 30.20
CA ARG B 874 -16.14 1.25 30.92
C ARG B 874 -14.65 1.53 30.78
N ILE B 875 -14.20 1.87 29.58
CA ILE B 875 -12.77 1.91 29.30
C ILE B 875 -12.12 3.08 30.02
N ILE B 876 -12.79 4.21 30.08
CA ILE B 876 -12.34 5.22 31.03
C ILE B 876 -13.17 5.01 32.28
N GLY B 877 -12.75 5.63 33.38
CA GLY B 877 -13.30 5.31 34.67
C GLY B 877 -14.75 5.76 34.82
N ASP B 878 -15.48 5.02 35.65
CA ASP B 878 -16.88 5.31 35.92
C ASP B 878 -17.03 6.19 37.16
N GLU B 879 -16.04 7.02 37.44
CA GLU B 879 -16.09 7.96 38.56
C GLU B 879 -16.11 9.38 38.00
N GLU B 880 -16.91 9.57 36.96
CA GLU B 880 -16.89 10.77 36.14
C GLU B 880 -18.30 11.31 35.99
N LYS B 881 -18.44 12.40 35.25
CA LYS B 881 -19.73 13.05 35.04
C LYS B 881 -19.97 13.23 33.56
N TYR B 882 -21.13 12.77 33.10
CA TYR B 882 -21.43 12.64 31.68
C TYR B 882 -22.70 13.41 31.37
N MET B 883 -23.27 13.22 30.18
CA MET B 883 -24.49 13.93 29.83
C MET B 883 -25.24 13.16 28.76
N ASP B 884 -26.57 13.21 28.83
CA ASP B 884 -27.41 12.76 27.74
C ASP B 884 -27.21 13.67 26.54
N TYR B 885 -27.31 13.05 25.36
CA TYR B 885 -27.34 13.80 24.12
C TYR B 885 -28.39 13.22 23.19
N LEU B 886 -29.57 12.95 23.74
CA LEU B 886 -30.75 12.63 22.95
C LEU B 886 -32.00 12.99 23.73
ZN ZN C . 21.86 34.75 14.16
ZN ZN D . -20.62 20.94 0.88
#